data_3LPG
#
_entry.id   3LPG
#
_cell.length_a   167.814
_cell.length_b   76.934
_cell.length_c   125.810
_cell.angle_alpha   90.000
_cell.angle_beta   124.750
_cell.angle_gamma   90.000
#
_symmetry.space_group_name_H-M   'C 1 2 1'
#
loop_
_entity.id
_entity.type
_entity.pdbx_description
1 polymer Beta-glucuronidase
2 non-polymer 3-(2-fluorophenyl)-1-(2-hydroxyethyl)-1-[(6-methyl-2-oxo-1,2-dihydroquinolin-3-yl)methyl]urea
3 water water
#
_entity_poly.entity_id   1
_entity_poly.type   'polypeptide(L)'
_entity_poly.pdbx_seq_one_letter_code
;SH(MSE)LRPVETPTREIKKLDGLWAFSLDRENCGIDQRWWESALQESRAIAVPGSFNDQFADADIRNYAGNVWYQREVF
IPKGWAGQRIVLRFDAVTHYGKVWVNNQEV(MSE)EHQGGYTPFEADVTPYVIAGKSVRITVCVNNELNWQTIPPG
(MSE)VITDENGKKKQSYFHDFFNYAGIHRSV(MSE)LYTTPNTWVDDITVVTHVAQDCNHASVDWQVVANGDVSVELRD
ADQQVVATGQGTSGTLQVVNPHLWQPGEGYLYELCVTAKSQTECDIYPLRVGIRSVAVKGEQFLINHKPFYFTGFGRHED
ADLRGKGFDNVL(MSE)VHDHAL(MSE)DWIGANSYRTSHYPYAEE(MSE)LDWADEHGIVVIDETAAVGFNLSLGIGFE
AGNKPKELYSEEAVNGETQQAHLQAIKELIARDKNHPSVV(MSE)WSIANEPDTRPQGAREYFAPLAEATRKLDPTRPIT
CVNV(MSE)FCDAHTDTISDLFDVLCLNRYYGWYVQSGDLETAEKVLEKELLAWQEKLHQPIIITEYGVDTLAGLHS
(MSE)YTD(MSE)WSEEYQCAWLD(MSE)YHRVFDRVSAVVGEQVWNFADFATSQGILRVGGNKKGIFTRDRKPKSAAFL
LQKRWTG(MSE)NFGEKPQQGGKQ
;
_entity_poly.pdbx_strand_id   A,B
#
# COMPACT_ATOMS: atom_id res chain seq x y z
N SER A 1 24.65 13.22 13.08
CA SER A 1 23.85 13.51 14.27
C SER A 1 23.24 12.25 14.88
N HIS A 2 22.54 12.41 16.00
CA HIS A 2 21.94 11.29 16.72
C HIS A 2 20.63 10.86 16.07
N LEU A 4 17.17 8.20 16.80
CA LEU A 4 16.39 7.19 17.50
C LEU A 4 15.05 7.04 16.78
N ARG A 5 14.61 5.81 16.60
CA ARG A 5 13.29 5.58 15.99
C ARG A 5 12.24 6.11 16.96
N PRO A 6 11.38 7.02 16.46
CA PRO A 6 10.25 7.55 17.24
C PRO A 6 9.27 6.46 17.70
N VAL A 7 8.99 6.44 19.01
CA VAL A 7 7.86 5.70 19.59
C VAL A 7 7.01 6.66 20.43
N GLU A 8 5.93 6.17 21.01
CA GLU A 8 4.90 7.07 21.54
C GLU A 8 4.77 7.26 23.07
N THR A 9 5.85 7.09 23.82
CA THR A 9 5.76 7.18 25.30
C THR A 9 5.50 8.52 26.08
N PRO A 10 6.38 9.55 26.00
CA PRO A 10 5.96 10.83 26.57
C PRO A 10 5.98 11.63 25.25
N THR A 11 6.40 10.91 24.21
CA THR A 11 6.46 11.38 22.83
C THR A 11 5.21 11.02 22.04
N ARG A 12 4.97 11.72 20.94
CA ARG A 12 3.85 11.38 20.07
C ARG A 12 4.08 11.76 18.60
N GLU A 13 3.54 10.93 17.69
CA GLU A 13 3.70 11.15 16.26
C GLU A 13 2.39 11.53 15.59
N ILE A 14 2.42 12.62 14.83
CA ILE A 14 1.40 12.85 13.81
C ILE A 14 2.04 12.32 12.53
N LYS A 15 1.54 11.19 12.07
CA LYS A 15 2.25 10.45 11.02
C LYS A 15 2.54 11.29 9.79
N LYS A 16 1.53 11.93 9.23
CA LYS A 16 1.72 12.72 8.02
C LYS A 16 2.35 11.88 6.91
N LEU A 17 2.19 10.58 6.99
CA LEU A 17 2.72 9.71 5.97
C LEU A 17 1.41 9.64 5.27
N ASP A 18 0.42 10.25 5.89
CA ASP A 18 -0.90 10.25 5.28
C ASP A 18 -0.60 10.55 3.83
N GLY A 19 -1.17 9.74 2.96
CA GLY A 19 -0.71 9.62 1.58
C GLY A 19 -0.62 10.87 0.72
N LEU A 20 -1.74 11.56 0.54
CA LEU A 20 -1.83 12.51 -0.56
C LEU A 20 -1.09 13.84 -0.35
N TRP A 21 -0.17 14.13 -1.29
CA TRP A 21 0.51 15.41 -1.35
C TRP A 21 0.39 15.96 -2.78
N ALA A 22 0.68 17.24 -2.94
CA ALA A 22 0.72 17.85 -4.26
C ALA A 22 2.07 17.54 -4.90
N PHE A 23 2.08 17.39 -6.23
CA PHE A 23 3.29 16.97 -6.93
C PHE A 23 3.40 17.60 -8.30
N SER A 24 4.61 18.02 -8.66
CA SER A 24 4.89 18.51 -10.00
C SER A 24 6.39 18.46 -10.25
N LEU A 25 6.76 18.30 -11.52
CA LEU A 25 8.17 18.25 -11.86
C LEU A 25 8.76 19.65 -11.95
N ASP A 26 10.02 19.73 -12.32
CA ASP A 26 10.68 21.02 -12.48
C ASP A 26 11.55 20.54 -13.63
N ARG A 27 11.18 20.94 -14.84
CA ARG A 27 11.80 20.43 -16.06
C ARG A 27 12.75 21.56 -16.44
N GLU A 28 12.46 22.77 -16.00
CA GLU A 28 13.29 23.92 -16.34
C GLU A 28 14.21 24.31 -15.19
N ASN A 29 14.01 23.67 -14.05
CA ASN A 29 14.80 23.92 -12.84
C ASN A 29 14.79 25.41 -12.46
N CYS A 30 13.59 25.97 -12.41
CA CYS A 30 13.37 27.33 -11.96
C CYS A 30 12.57 27.30 -10.67
N GLY A 31 12.59 26.14 -10.00
CA GLY A 31 11.82 25.94 -8.78
C GLY A 31 12.41 26.66 -7.58
N ILE A 32 13.73 26.78 -7.55
CA ILE A 32 14.40 27.46 -6.46
C ILE A 32 14.51 28.96 -6.74
N ASP A 33 14.78 29.30 -7.99
CA ASP A 33 14.81 30.69 -8.40
C ASP A 33 13.49 31.36 -8.09
N GLN A 34 12.40 30.65 -8.34
CA GLN A 34 11.06 31.17 -8.14
C GLN A 34 10.49 30.89 -6.75
N ARG A 35 11.30 30.26 -5.90
CA ARG A 35 10.92 30.01 -4.52
C ARG A 35 9.59 29.29 -4.30
N TRP A 36 9.41 28.16 -5.00
CA TRP A 36 8.15 27.42 -4.97
C TRP A 36 7.59 27.09 -3.57
N TRP A 37 8.47 27.02 -2.59
CA TRP A 37 8.09 26.71 -1.22
C TRP A 37 7.31 27.84 -0.55
N GLU A 38 7.12 28.94 -1.30
CA GLU A 38 6.46 30.11 -0.76
C GLU A 38 4.99 30.16 -1.14
N SER A 39 4.63 29.43 -2.19
CA SER A 39 3.26 29.43 -2.67
C SER A 39 2.80 28.01 -3.00
N ALA A 40 1.48 27.82 -3.06
CA ALA A 40 0.92 26.54 -3.44
C ALA A 40 1.57 26.07 -4.74
N LEU A 41 1.98 24.81 -4.76
CA LEU A 41 2.57 24.22 -5.95
C LEU A 41 1.55 24.40 -7.08
N GLN A 42 1.92 25.21 -8.08
CA GLN A 42 1.08 25.45 -9.24
C GLN A 42 1.20 24.26 -10.19
N GLU A 43 0.20 24.08 -11.05
CA GLU A 43 0.15 22.93 -11.96
C GLU A 43 0.54 21.59 -11.37
N SER A 44 0.13 21.34 -10.13
CA SER A 44 0.46 20.10 -9.45
C SER A 44 -0.62 19.03 -9.49
N ARG A 45 -0.21 17.78 -9.32
CA ARG A 45 -1.15 16.67 -9.31
C ARG A 45 -0.95 15.83 -8.05
N ALA A 46 -2.01 15.12 -7.66
CA ALA A 46 -1.96 14.29 -6.46
C ALA A 46 -0.93 13.17 -6.60
N ILE A 47 -0.29 12.85 -5.49
CA ILE A 47 0.74 11.81 -5.45
C ILE A 47 0.63 11.13 -4.10
N ALA A 48 0.98 9.85 -4.04
CA ALA A 48 0.88 9.09 -2.79
C ALA A 48 2.23 9.04 -2.12
N VAL A 49 2.27 9.24 -0.81
CA VAL A 49 3.58 9.29 -0.17
C VAL A 49 3.89 8.57 1.15
N PRO A 50 4.05 7.25 1.03
CA PRO A 50 5.35 6.59 1.03
C PRO A 50 5.40 5.90 -0.34
N GLY A 51 6.31 6.28 -1.22
CA GLY A 51 6.38 5.63 -2.51
C GLY A 51 7.35 6.25 -3.48
N SER A 52 7.53 5.61 -4.63
CA SER A 52 8.37 6.16 -5.67
C SER A 52 7.40 7.00 -6.50
N PHE A 53 7.89 8.07 -7.09
CA PHE A 53 7.02 8.90 -7.92
C PHE A 53 6.94 8.38 -9.34
N ASN A 54 7.85 7.47 -9.69
CA ASN A 54 8.02 7.10 -11.09
C ASN A 54 6.82 6.38 -11.66
N ASP A 55 6.39 5.33 -10.97
CA ASP A 55 5.42 4.39 -11.49
C ASP A 55 3.97 4.80 -11.24
N GLN A 56 3.76 5.74 -10.33
CA GLN A 56 2.41 6.09 -9.90
C GLN A 56 1.50 6.61 -11.03
N PHE A 57 2.10 7.12 -12.10
CA PHE A 57 1.30 7.82 -13.11
C PHE A 57 1.27 7.17 -14.50
N ALA A 58 1.77 5.94 -14.59
CA ALA A 58 1.83 5.25 -15.88
C ALA A 58 2.28 6.19 -16.98
N ASP A 59 3.31 6.99 -16.69
CA ASP A 59 3.82 7.95 -17.65
C ASP A 59 5.33 7.79 -17.77
N ALA A 60 5.79 7.42 -18.97
CA ALA A 60 7.19 7.15 -19.22
C ALA A 60 8.07 8.39 -19.00
N ASP A 61 7.53 9.56 -19.31
CA ASP A 61 8.28 10.80 -19.18
C ASP A 61 8.56 11.11 -17.72
N ILE A 62 7.56 10.93 -16.87
CA ILE A 62 7.70 11.12 -15.44
C ILE A 62 8.59 10.03 -14.84
N ARG A 63 8.54 8.85 -15.43
CA ARG A 63 9.29 7.72 -14.91
C ARG A 63 10.79 7.84 -15.18
N ASN A 64 11.12 8.38 -16.34
CA ASN A 64 12.52 8.50 -16.75
C ASN A 64 13.10 9.87 -16.45
N TYR A 65 12.35 10.66 -15.71
CA TYR A 65 12.72 12.04 -15.39
C TYR A 65 14.01 12.12 -14.59
N ALA A 66 14.88 13.04 -14.99
CA ALA A 66 16.07 13.36 -14.19
C ALA A 66 16.00 14.81 -13.75
N GLY A 67 16.32 15.06 -12.49
CA GLY A 67 16.32 16.42 -11.99
C GLY A 67 15.39 16.56 -10.80
N ASN A 68 14.83 17.76 -10.64
CA ASN A 68 14.07 18.09 -9.46
C ASN A 68 12.55 17.90 -9.53
N VAL A 69 11.99 17.36 -8.46
CA VAL A 69 10.55 17.27 -8.32
C VAL A 69 10.16 17.88 -6.98
N TRP A 70 8.90 18.25 -6.83
CA TRP A 70 8.47 18.93 -5.62
C TRP A 70 7.26 18.25 -4.98
N TYR A 71 7.34 18.02 -3.67
CA TYR A 71 6.20 17.55 -2.90
C TYR A 71 5.68 18.69 -2.03
N GLN A 72 4.41 18.64 -1.67
CA GLN A 72 3.83 19.67 -0.84
C GLN A 72 2.49 19.28 -0.25
N ARG A 73 2.26 19.69 0.98
CA ARG A 73 1.00 19.42 1.68
C ARG A 73 0.89 20.31 2.91
N GLU A 74 -0.35 20.60 3.31
CA GLU A 74 -0.58 21.39 4.52
C GLU A 74 -1.01 20.48 5.68
N VAL A 75 -0.44 20.72 6.86
CA VAL A 75 -0.77 19.90 8.02
C VAL A 75 -1.01 20.72 9.29
N PHE A 76 -1.83 20.19 10.19
CA PHE A 76 -2.09 20.83 11.47
C PHE A 76 -1.13 20.36 12.55
N ILE A 77 -0.72 21.28 13.41
CA ILE A 77 0.08 20.92 14.56
C ILE A 77 -0.85 20.70 15.73
N PRO A 78 -0.84 19.49 16.30
CA PRO A 78 -1.70 19.20 17.45
C PRO A 78 -1.63 20.32 18.48
N LYS A 79 -2.78 20.85 18.87
CA LYS A 79 -2.84 21.94 19.85
C LYS A 79 -2.13 21.57 21.14
N GLY A 80 -2.19 20.29 21.49
CA GLY A 80 -1.60 19.80 22.73
C GLY A 80 -0.08 19.80 22.69
N TRP A 81 0.49 20.22 21.57
CA TRP A 81 1.94 20.30 21.40
C TRP A 81 2.43 21.70 21.76
N ALA A 82 1.67 22.36 22.64
CA ALA A 82 1.95 23.72 23.07
C ALA A 82 3.39 24.10 23.37
N GLY A 83 3.99 23.43 24.34
CA GLY A 83 5.36 23.76 24.75
C GLY A 83 6.43 22.72 24.54
N GLN A 84 6.19 21.84 23.57
CA GLN A 84 7.13 20.75 23.27
C GLN A 84 8.19 20.89 22.20
N ARG A 85 9.21 20.05 22.26
CA ARG A 85 10.15 19.91 21.14
C ARG A 85 9.44 19.23 19.98
N ILE A 86 9.12 20.00 18.94
CA ILE A 86 8.44 19.46 17.78
C ILE A 86 9.42 19.18 16.65
N VAL A 87 9.57 17.92 16.27
CA VAL A 87 10.53 17.51 15.25
C VAL A 87 9.85 17.02 13.98
N LEU A 88 10.37 17.45 12.83
CA LEU A 88 9.91 16.94 11.55
C LEU A 88 10.93 15.92 11.07
N ARG A 89 10.46 14.72 10.73
CA ARG A 89 11.36 13.64 10.37
C ARG A 89 10.95 12.93 9.09
N PHE A 90 11.93 12.75 8.21
CA PHE A 90 11.74 11.93 7.01
C PHE A 90 12.53 10.65 7.13
N ASP A 91 11.82 9.54 7.22
CA ASP A 91 12.46 8.23 7.27
C ASP A 91 13.35 7.99 6.07
N ALA A 92 13.03 8.63 4.95
CA ALA A 92 13.86 8.50 3.74
C ALA A 92 13.34 9.59 2.82
N VAL A 93 14.21 10.07 1.95
CA VAL A 93 13.77 10.92 0.84
C VAL A 93 14.89 10.52 -0.12
N THR A 94 14.51 9.87 -1.21
CA THR A 94 15.49 9.14 -2.00
C THR A 94 16.40 10.17 -2.63
N HIS A 95 17.68 9.84 -2.53
CA HIS A 95 18.83 10.68 -2.86
C HIS A 95 18.54 11.95 -2.11
N TYR A 96 18.54 13.08 -2.80
CA TYR A 96 18.37 14.34 -2.08
C TYR A 96 17.04 15.01 -1.86
N GLY A 97 16.90 15.71 -0.75
CA GLY A 97 15.70 16.47 -0.47
C GLY A 97 15.96 17.66 0.45
N LYS A 98 15.42 18.82 0.08
CA LYS A 98 15.46 20.00 0.94
C LYS A 98 14.04 20.31 1.42
N VAL A 99 13.92 20.82 2.65
CA VAL A 99 12.61 20.97 3.27
C VAL A 99 12.34 22.39 3.80
N TRP A 100 11.19 22.94 3.41
CA TRP A 100 10.74 24.23 3.90
C TRP A 100 9.43 24.12 4.67
N VAL A 101 9.44 24.53 5.93
CA VAL A 101 8.21 24.71 6.68
C VAL A 101 7.80 26.17 6.54
N ASN A 102 6.97 26.46 5.54
CA ASN A 102 6.53 27.84 5.29
C ASN A 102 7.63 28.88 5.08
N ASN A 103 8.44 28.71 4.04
CA ASN A 103 9.48 29.69 3.69
C ASN A 103 10.60 29.73 4.73
N GLN A 104 10.78 28.64 5.47
CA GLN A 104 11.84 28.57 6.48
C GLN A 104 12.40 27.19 6.13
N GLU A 105 13.63 27.17 5.62
CA GLU A 105 14.32 25.92 5.30
C GLU A 105 14.85 25.27 6.58
N VAL A 106 14.57 23.99 6.76
CA VAL A 106 14.92 23.31 8.00
C VAL A 106 15.91 22.16 7.80
N GLU A 108 18.37 19.47 4.91
CA GLU A 108 19.00 19.15 3.65
C GLU A 108 19.62 17.80 3.89
N HIS A 109 19.44 16.89 2.94
CA HIS A 109 20.03 15.58 3.08
C HIS A 109 20.46 14.98 1.74
N GLN A 110 21.64 14.37 1.75
CA GLN A 110 22.09 13.59 0.61
C GLN A 110 22.15 12.09 0.26
N GLY A 111 21.39 11.29 1.01
CA GLY A 111 21.46 9.87 0.89
C GLY A 111 19.99 9.43 0.89
N GLY A 112 19.66 8.43 0.10
CA GLY A 112 18.27 8.14 -0.19
C GLY A 112 17.54 7.18 0.74
N TYR A 113 18.27 6.59 1.67
CA TYR A 113 17.73 5.46 2.41
C TYR A 113 17.75 5.56 3.93
N THR A 114 18.31 6.65 4.45
CA THR A 114 18.31 6.88 5.89
C THR A 114 17.60 8.15 6.29
N PRO A 115 17.09 8.17 7.52
CA PRO A 115 16.27 9.28 8.00
C PRO A 115 17.09 10.52 8.29
N PHE A 116 16.45 11.67 8.15
CA PHE A 116 17.00 12.93 8.61
C PHE A 116 15.86 13.69 9.26
N GLU A 117 16.17 14.40 10.35
CA GLU A 117 15.16 15.13 11.10
C GLU A 117 15.68 16.49 11.57
N ALA A 118 14.77 17.37 11.97
CA ALA A 118 15.14 18.71 12.42
C ALA A 118 14.15 19.27 13.44
N ASP A 119 14.68 19.92 14.47
CA ASP A 119 13.85 20.58 15.49
C ASP A 119 13.17 21.78 14.84
N VAL A 120 11.86 21.71 14.68
CA VAL A 120 11.11 22.75 13.98
C VAL A 120 10.26 23.59 14.94
N THR A 121 10.53 23.45 16.23
CA THR A 121 9.73 24.12 17.26
C THR A 121 9.56 25.62 17.02
N PRO A 122 10.67 26.34 16.78
CA PRO A 122 10.60 27.79 16.60
C PRO A 122 9.90 28.22 15.32
N TYR A 123 9.53 27.27 14.48
CA TYR A 123 8.94 27.58 13.18
C TYR A 123 7.53 27.01 13.04
N VAL A 124 7.05 26.39 14.11
CA VAL A 124 5.70 25.85 14.15
C VAL A 124 4.92 26.39 15.36
N ILE A 125 3.67 26.77 15.13
CA ILE A 125 2.78 27.19 16.22
C ILE A 125 1.66 26.17 16.42
N ALA A 126 1.63 25.57 17.61
CA ALA A 126 0.72 24.48 17.91
C ALA A 126 -0.75 24.87 17.75
N GLY A 127 -1.42 24.24 16.80
CA GLY A 127 -2.84 24.47 16.57
C GLY A 127 -3.13 25.12 15.23
N LYS A 128 -2.07 25.44 14.49
CA LYS A 128 -2.19 26.07 13.18
C LYS A 128 -1.77 25.13 12.06
N SER A 129 -2.03 25.55 10.82
CA SER A 129 -1.74 24.73 9.64
C SER A 129 -0.51 25.24 8.88
N VAL A 130 0.43 24.34 8.59
CA VAL A 130 1.69 24.71 7.97
C VAL A 130 1.88 24.12 6.58
N ARG A 131 2.61 24.84 5.73
CA ARG A 131 2.91 24.40 4.37
C ARG A 131 4.30 23.76 4.31
N ILE A 132 4.32 22.45 4.09
CA ILE A 132 5.58 21.71 4.03
C ILE A 132 5.94 21.39 2.59
N THR A 133 7.04 21.97 2.13
CA THR A 133 7.48 21.78 0.76
C THR A 133 8.81 21.03 0.74
N VAL A 134 8.83 19.91 0.02
CA VAL A 134 10.06 19.15 -0.17
C VAL A 134 10.49 19.24 -1.62
N CYS A 135 11.75 19.57 -1.83
CA CYS A 135 12.34 19.50 -3.16
C CYS A 135 13.23 18.28 -3.21
N VAL A 136 12.95 17.37 -4.13
CA VAL A 136 13.66 16.11 -4.20
C VAL A 136 14.46 15.98 -5.49
N ASN A 137 15.71 15.53 -5.35
CA ASN A 137 16.61 15.35 -6.48
C ASN A 137 17.00 13.88 -6.59
N ASN A 138 16.91 13.35 -7.80
CA ASN A 138 17.20 11.94 -8.05
C ASN A 138 18.38 11.78 -8.98
N GLU A 139 19.33 12.69 -8.86
CA GLU A 139 20.50 12.65 -9.72
C GLU A 139 21.67 12.01 -8.98
N LEU A 140 22.50 11.29 -9.72
CA LEU A 140 23.68 10.66 -9.15
C LEU A 140 24.93 11.18 -9.83
N ASN A 141 26.00 11.30 -9.05
CA ASN A 141 27.29 11.64 -9.62
C ASN A 141 28.39 10.89 -8.89
N TRP A 142 29.64 11.18 -9.22
CA TRP A 142 30.74 10.42 -8.64
C TRP A 142 30.97 10.59 -7.14
N GLN A 143 30.14 11.42 -6.50
CA GLN A 143 30.27 11.66 -5.07
C GLN A 143 28.99 11.33 -4.31
N THR A 144 28.00 10.88 -5.06
CA THR A 144 26.74 10.46 -4.50
C THR A 144 26.84 8.95 -4.21
N ILE A 145 26.05 8.43 -3.29
CA ILE A 145 26.32 7.06 -2.82
C ILE A 145 25.34 5.94 -3.22
N PRO A 146 24.86 6.02 -4.46
CA PRO A 146 25.31 5.05 -5.44
C PRO A 146 25.99 5.97 -6.45
N PRO A 147 27.26 5.73 -6.80
CA PRO A 147 27.84 6.62 -7.79
C PRO A 147 26.98 6.65 -9.05
N GLY A 148 27.16 7.67 -9.88
CA GLY A 148 26.38 7.80 -11.08
C GLY A 148 26.96 8.84 -12.02
N VAL A 150 25.26 11.70 -14.62
CA VAL A 150 24.13 12.36 -15.26
C VAL A 150 24.67 12.88 -16.58
N ILE A 151 24.07 12.41 -17.68
CA ILE A 151 24.51 12.79 -19.01
C ILE A 151 23.53 13.79 -19.59
N THR A 152 24.06 14.81 -20.24
CA THR A 152 23.22 15.85 -20.80
C THR A 152 23.57 16.08 -22.26
N ASP A 153 22.62 15.81 -23.14
CA ASP A 153 22.88 15.87 -24.58
C ASP A 153 22.91 17.31 -25.05
N GLU A 154 23.09 17.46 -26.36
CA GLU A 154 23.17 18.75 -27.03
C GLU A 154 21.96 19.65 -26.80
N ASN A 155 20.87 19.06 -26.28
CA ASN A 155 19.64 19.82 -26.09
C ASN A 155 19.45 20.28 -24.65
N GLY A 156 20.36 19.85 -23.77
CA GLY A 156 20.28 20.22 -22.37
C GLY A 156 19.48 19.20 -21.58
N LYS A 157 18.70 18.39 -22.28
CA LYS A 157 17.91 17.35 -21.63
C LYS A 157 18.82 16.35 -20.91
N LYS A 158 18.70 16.32 -19.59
CA LYS A 158 19.50 15.42 -18.75
C LYS A 158 19.02 13.98 -18.90
N LYS A 159 19.83 13.04 -18.40
CA LYS A 159 19.52 11.62 -18.54
C LYS A 159 20.46 11.02 -17.51
N GLN A 160 19.94 10.09 -16.72
CA GLN A 160 20.70 9.49 -15.63
C GLN A 160 21.23 8.17 -16.15
N SER A 161 22.52 7.95 -15.95
CA SER A 161 23.10 6.64 -16.18
C SER A 161 23.86 6.21 -14.93
N TYR A 162 23.75 4.93 -14.60
CA TYR A 162 24.36 4.39 -13.38
C TYR A 162 24.94 3.02 -13.65
N PHE A 163 25.63 2.45 -12.66
CA PHE A 163 26.34 1.19 -12.86
C PHE A 163 25.79 0.05 -12.01
N HIS A 164 24.66 0.29 -11.35
CA HIS A 164 23.97 -0.77 -10.62
C HIS A 164 22.78 -1.30 -11.43
N ASP A 165 22.26 -2.46 -11.02
CA ASP A 165 21.20 -3.13 -11.78
C ASP A 165 19.78 -2.58 -11.66
N PHE A 166 19.34 -2.37 -10.42
CA PHE A 166 17.97 -1.96 -10.11
C PHE A 166 17.66 -0.56 -10.65
N PHE A 167 16.39 -0.33 -10.96
CA PHE A 167 15.94 0.95 -11.49
C PHE A 167 16.13 2.07 -10.46
N ASN A 168 16.43 3.28 -10.94
CA ASN A 168 16.72 4.41 -10.07
C ASN A 168 15.45 5.10 -9.61
N TYR A 169 14.62 4.39 -8.85
CA TYR A 169 13.38 4.97 -8.33
C TYR A 169 13.67 6.10 -7.35
N ALA A 170 12.84 7.13 -7.38
CA ALA A 170 13.05 8.27 -6.51
C ALA A 170 11.75 8.79 -5.91
N GLY A 171 11.87 9.76 -5.01
CA GLY A 171 10.73 10.30 -4.31
C GLY A 171 10.79 9.95 -2.83
N ILE A 172 9.76 10.32 -2.09
CA ILE A 172 9.71 10.03 -0.66
C ILE A 172 9.24 8.59 -0.45
N HIS A 173 10.18 7.66 -0.32
CA HIS A 173 9.86 6.24 -0.27
C HIS A 173 9.32 5.78 1.09
N ARG A 174 9.46 6.62 2.10
CA ARG A 174 9.06 6.20 3.45
C ARG A 174 8.35 7.32 4.22
N SER A 175 7.98 7.02 5.46
CA SER A 175 7.15 7.94 6.22
C SER A 175 7.86 9.27 6.43
N VAL A 176 7.06 10.33 6.43
CA VAL A 176 7.50 11.61 6.96
C VAL A 176 6.63 11.76 8.18
N LEU A 178 5.75 14.49 11.86
CA LEU A 178 5.99 15.37 12.98
C LEU A 178 5.95 14.52 14.24
N TYR A 179 6.90 14.73 15.15
CA TYR A 179 6.86 14.03 16.44
C TYR A 179 7.37 14.86 17.60
N THR A 180 6.91 14.51 18.79
CA THR A 180 7.10 15.35 19.97
C THR A 180 8.09 14.76 20.97
N THR A 181 8.78 15.64 21.69
CA THR A 181 9.60 15.24 22.83
C THR A 181 9.65 16.38 23.83
N PRO A 182 9.82 16.07 25.12
CA PRO A 182 10.00 17.12 26.12
C PRO A 182 11.36 17.80 25.94
N ASN A 183 11.50 19.02 26.44
CA ASN A 183 12.75 19.76 26.27
C ASN A 183 13.93 19.10 27.00
N THR A 184 13.61 18.17 27.89
CA THR A 184 14.58 17.21 28.40
C THR A 184 14.19 15.87 27.80
N TRP A 185 15.11 15.27 27.05
CA TRP A 185 14.77 14.12 26.21
C TRP A 185 15.99 13.26 25.88
N VAL A 186 15.81 11.95 25.98
CA VAL A 186 16.80 11.01 25.48
C VAL A 186 16.89 11.21 23.97
N ASP A 187 18.09 11.31 23.43
CA ASP A 187 18.21 11.50 21.99
C ASP A 187 19.28 10.64 21.31
N ASP A 188 19.93 9.80 22.10
CA ASP A 188 20.82 8.79 21.54
C ASP A 188 21.09 7.68 22.54
N ILE A 189 21.04 6.44 22.06
CA ILE A 189 21.31 5.28 22.90
C ILE A 189 22.22 4.34 22.13
N THR A 190 22.95 3.50 22.85
CA THR A 190 23.78 2.47 22.25
C THR A 190 23.89 1.32 23.23
N VAL A 191 23.48 0.15 22.79
CA VAL A 191 23.49 -1.02 23.64
C VAL A 191 24.37 -2.09 23.02
N VAL A 192 25.34 -2.55 23.78
CA VAL A 192 26.14 -3.70 23.39
C VAL A 192 25.74 -4.84 24.31
N THR A 193 25.38 -5.96 23.71
CA THR A 193 25.04 -7.16 24.47
C THR A 193 26.24 -8.10 24.49
N HIS A 194 26.54 -8.65 25.66
CA HIS A 194 27.59 -9.65 25.77
C HIS A 194 26.99 -10.96 26.26
N VAL A 195 27.66 -12.07 25.97
CA VAL A 195 27.22 -13.38 26.46
C VAL A 195 28.38 -14.35 26.61
N ALA A 196 28.34 -15.18 27.65
CA ALA A 196 29.45 -16.10 27.92
C ALA A 196 28.97 -17.54 28.08
N GLN A 197 28.86 -18.25 26.97
CA GLN A 197 28.48 -19.66 26.98
C GLN A 197 27.13 -19.73 27.71
N ASP A 198 26.23 -18.83 27.32
CA ASP A 198 24.80 -19.03 27.53
C ASP A 198 24.10 -19.29 28.86
N CYS A 199 24.61 -18.71 29.94
CA CYS A 199 23.95 -18.81 31.24
C CYS A 199 24.44 -17.35 31.05
N ASN A 200 24.33 -16.55 32.10
CA ASN A 200 24.68 -15.14 32.07
C ASN A 200 25.75 -14.11 31.70
N HIS A 201 25.33 -13.07 30.97
CA HIS A 201 26.04 -11.79 30.92
C HIS A 201 25.50 -10.46 30.36
N ALA A 202 26.33 -9.44 30.49
CA ALA A 202 25.90 -8.02 30.45
C ALA A 202 25.64 -7.22 29.24
N SER A 203 24.79 -6.22 29.40
CA SER A 203 24.59 -5.18 28.35
C SER A 203 25.12 -3.85 28.68
N VAL A 204 26.25 -3.48 28.07
CA VAL A 204 26.73 -2.13 28.28
C VAL A 204 25.66 -1.19 27.74
N ASP A 205 25.45 -0.07 28.42
CA ASP A 205 24.60 0.99 27.89
C ASP A 205 25.39 2.28 27.80
N TRP A 206 25.04 3.09 26.80
CA TRP A 206 25.70 4.35 26.57
C TRP A 206 24.61 5.30 26.13
N GLN A 207 24.42 6.34 26.91
CA GLN A 207 23.25 7.20 26.73
C GLN A 207 23.64 8.66 26.60
N VAL A 208 23.15 9.30 25.55
CA VAL A 208 23.33 10.74 25.39
C VAL A 208 22.01 11.42 25.64
N VAL A 209 21.96 12.17 26.73
CA VAL A 209 20.76 12.90 27.10
C VAL A 209 20.81 14.31 26.51
N ALA A 210 19.65 14.87 26.22
CA ALA A 210 19.55 16.28 25.89
C ALA A 210 19.31 16.91 27.26
N ASN A 211 20.39 17.09 28.00
CA ASN A 211 20.35 17.61 29.36
C ASN A 211 19.61 17.10 30.59
N GLY A 212 19.67 15.79 30.82
CA GLY A 212 19.00 15.18 31.95
C GLY A 212 19.78 14.07 32.64
N ASP A 213 19.33 13.69 33.83
CA ASP A 213 19.89 12.56 34.54
C ASP A 213 19.22 11.35 33.92
N VAL A 214 19.98 10.35 33.53
CA VAL A 214 19.36 9.16 32.96
C VAL A 214 19.40 7.98 33.93
N SER A 215 18.25 7.31 34.04
CA SER A 215 18.13 6.05 34.76
C SER A 215 17.69 5.01 33.74
N VAL A 216 17.90 3.74 34.05
CA VAL A 216 17.60 2.70 33.07
C VAL A 216 17.17 1.39 33.74
N GLU A 217 16.37 0.61 33.02
CA GLU A 217 15.86 -0.65 33.54
C GLU A 217 15.48 -1.63 32.44
N LEU A 218 15.75 -2.91 32.70
CA LEU A 218 15.57 -3.96 31.71
C LEU A 218 14.36 -4.81 32.04
N ARG A 219 13.48 -5.00 31.06
CA ARG A 219 12.22 -5.70 31.29
C ARG A 219 11.98 -6.93 30.41
N ASP A 220 11.42 -7.97 31.02
CA ASP A 220 11.03 -9.20 30.34
C ASP A 220 9.96 -8.95 29.29
N ALA A 221 9.64 -10.02 28.56
CA ALA A 221 8.49 -10.02 27.66
C ALA A 221 7.19 -9.85 28.43
N ASP A 222 7.16 -10.44 29.64
CA ASP A 222 6.05 -10.20 30.56
C ASP A 222 6.28 -8.95 31.42
N GLN A 223 7.20 -8.09 30.97
CA GLN A 223 7.28 -6.72 31.44
C GLN A 223 7.80 -6.52 32.87
N GLN A 224 8.65 -7.43 33.34
CA GLN A 224 9.21 -7.28 34.68
C GLN A 224 10.67 -6.85 34.66
N VAL A 225 11.04 -6.03 35.63
CA VAL A 225 12.40 -5.51 35.74
C VAL A 225 13.37 -6.61 36.16
N VAL A 226 14.24 -7.00 35.24
CA VAL A 226 15.19 -8.07 35.50
C VAL A 226 16.55 -7.46 35.87
N ALA A 227 16.69 -6.16 35.65
CA ALA A 227 17.92 -5.43 35.96
C ALA A 227 17.71 -3.91 35.93
N THR A 228 18.63 -3.18 36.56
CA THR A 228 18.46 -1.74 36.74
C THR A 228 19.80 -1.01 36.78
N GLY A 229 19.80 0.25 36.35
CA GLY A 229 21.03 1.01 36.26
C GLY A 229 20.85 2.51 36.40
N GLN A 230 21.94 3.18 36.77
CA GLN A 230 21.94 4.63 36.93
C GLN A 230 23.19 5.22 36.31
N GLY A 231 23.10 6.48 35.89
CA GLY A 231 24.24 7.16 35.32
C GLY A 231 24.05 7.43 33.84
N THR A 232 24.97 8.20 33.27
CA THR A 232 24.85 8.60 31.88
C THR A 232 26.13 8.20 31.13
N SER A 233 25.96 7.79 29.88
CA SER A 233 27.02 7.16 29.11
C SER A 233 27.33 5.73 29.51
N GLY A 234 27.76 5.52 30.75
CA GLY A 234 28.11 4.22 31.21
C GLY A 234 27.35 3.25 32.13
N THR A 235 27.16 2.02 31.67
CA THR A 235 26.52 0.99 32.46
C THR A 235 26.82 -0.44 31.95
N LEU A 236 26.74 -1.41 32.85
CA LEU A 236 26.79 -2.82 32.51
C LEU A 236 25.80 -3.58 33.37
N GLN A 237 24.76 -4.11 32.73
CA GLN A 237 23.70 -4.83 33.40
C GLN A 237 24.04 -6.31 33.36
N VAL A 238 23.68 -7.06 34.39
CA VAL A 238 23.94 -8.51 34.35
C VAL A 238 22.62 -9.31 34.49
N VAL A 239 22.56 -10.49 33.85
CA VAL A 239 21.29 -11.22 33.67
C VAL A 239 21.40 -12.76 33.74
N ASN A 240 20.24 -13.43 33.85
CA ASN A 240 20.11 -14.86 33.50
C ASN A 240 19.22 -14.99 32.26
N PRO A 241 19.84 -14.92 31.07
CA PRO A 241 19.16 -14.42 29.88
C PRO A 241 18.30 -15.42 29.11
N HIS A 242 17.26 -14.87 28.49
CA HIS A 242 16.56 -15.52 27.40
C HIS A 242 17.16 -14.89 26.15
N LEU A 243 18.15 -15.57 25.55
CA LEU A 243 18.91 -15.02 24.44
C LEU A 243 18.08 -14.82 23.17
N TRP A 244 18.42 -13.78 22.42
CA TRP A 244 17.79 -13.53 21.13
C TRP A 244 18.30 -14.58 20.14
N GLN A 245 17.42 -15.48 19.75
CA GLN A 245 17.81 -16.62 18.91
C GLN A 245 17.21 -16.52 17.51
N PRO A 246 18.02 -16.83 16.50
CA PRO A 246 17.61 -16.83 15.09
C PRO A 246 16.18 -17.35 14.92
N GLY A 247 15.85 -18.44 15.61
CA GLY A 247 14.50 -18.97 15.54
C GLY A 247 13.42 -18.02 16.00
N GLU A 248 13.47 -17.60 17.27
CA GLU A 248 12.37 -16.86 17.87
C GLU A 248 12.63 -15.37 18.07
N GLY A 249 13.87 -15.02 18.40
CA GLY A 249 14.23 -13.63 18.63
C GLY A 249 13.58 -13.05 19.87
N TYR A 250 13.86 -13.65 21.01
CA TYR A 250 13.35 -13.13 22.28
C TYR A 250 13.88 -11.72 22.50
N LEU A 251 13.00 -10.80 22.87
CA LEU A 251 13.42 -9.42 23.10
C LEU A 251 13.08 -8.89 24.49
N TYR A 252 14.10 -8.37 25.17
CA TYR A 252 13.91 -7.62 26.40
C TYR A 252 13.59 -6.17 26.02
N GLU A 253 13.33 -5.34 27.02
CA GLU A 253 13.10 -3.92 26.75
C GLU A 253 13.89 -3.04 27.72
N LEU A 254 14.78 -2.23 27.17
CA LEU A 254 15.52 -1.27 27.98
C LEU A 254 14.82 0.07 27.98
N CYS A 255 14.26 0.43 29.13
CA CYS A 255 13.53 1.67 29.28
C CYS A 255 14.46 2.78 29.79
N VAL A 256 14.82 3.69 28.89
CA VAL A 256 15.69 4.80 29.25
C VAL A 256 14.85 5.98 29.68
N THR A 257 15.33 6.70 30.69
CA THR A 257 14.59 7.82 31.25
C THR A 257 15.49 9.05 31.39
N ALA A 258 14.93 10.22 31.12
CA ALA A 258 15.67 11.47 31.25
C ALA A 258 14.95 12.44 32.18
N LYS A 259 15.56 12.79 33.31
CA LYS A 259 14.92 13.63 34.30
C LYS A 259 15.55 15.02 34.47
N SER A 260 14.72 16.06 34.36
CA SER A 260 15.10 17.41 34.75
C SER A 260 14.62 17.57 36.18
N GLN A 261 14.79 18.77 36.72
CA GLN A 261 14.08 19.14 37.93
C GLN A 261 12.59 19.29 37.68
N THR A 262 12.22 19.41 36.40
CA THR A 262 10.82 19.54 36.01
C THR A 262 10.15 18.61 35.00
N GLU A 263 10.96 18.00 34.12
CA GLU A 263 10.41 17.30 32.96
C GLU A 263 10.99 15.88 32.91
N CYS A 264 10.16 14.94 32.45
CA CYS A 264 10.54 13.55 32.26
C CYS A 264 10.67 13.21 30.78
N ASP A 265 11.47 12.19 30.47
CA ASP A 265 11.43 11.55 29.15
C ASP A 265 11.60 10.04 29.27
N ILE A 266 10.68 9.30 28.66
CA ILE A 266 10.69 7.85 28.69
C ILE A 266 10.90 7.27 27.30
N TYR A 267 12.03 6.60 27.07
CA TYR A 267 12.26 5.93 25.79
C TYR A 267 12.57 4.45 25.95
N PRO A 268 11.68 3.59 25.42
CA PRO A 268 11.85 2.14 25.43
C PRO A 268 12.58 1.66 24.17
N LEU A 269 13.69 0.96 24.37
CA LEU A 269 14.46 0.42 23.27
C LEU A 269 14.47 -1.08 23.34
N ARG A 270 13.94 -1.74 22.30
CA ARG A 270 13.92 -3.18 22.30
C ARG A 270 15.35 -3.71 22.20
N VAL A 271 15.68 -4.65 23.09
CA VAL A 271 17.03 -5.19 23.13
C VAL A 271 17.01 -6.70 22.91
N GLY A 272 17.98 -7.18 22.14
CA GLY A 272 18.11 -8.60 21.89
C GLY A 272 19.45 -9.08 22.39
N ILE A 273 19.43 -9.86 23.47
CA ILE A 273 20.66 -10.36 24.05
C ILE A 273 21.25 -11.49 23.22
N ARG A 274 22.25 -11.15 22.41
CA ARG A 274 22.90 -12.12 21.53
C ARG A 274 24.30 -11.68 21.13
N SER A 275 25.21 -12.64 20.98
CA SER A 275 26.58 -12.34 20.54
C SER A 275 26.78 -12.72 19.09
N VAL A 276 27.47 -11.86 18.36
CA VAL A 276 27.77 -12.10 16.98
C VAL A 276 29.28 -12.04 16.77
N ALA A 277 29.86 -13.18 16.39
CA ALA A 277 31.30 -13.27 16.24
C ALA A 277 31.70 -14.28 15.17
N VAL A 278 32.88 -14.07 14.60
CA VAL A 278 33.48 -15.00 13.66
C VAL A 278 34.62 -15.74 14.34
N LYS A 279 34.63 -17.06 14.22
CA LYS A 279 35.75 -17.86 14.70
C LYS A 279 36.19 -18.82 13.58
N GLY A 280 37.28 -18.47 12.91
CA GLY A 280 37.75 -19.27 11.79
C GLY A 280 36.79 -19.19 10.62
N GLU A 281 36.29 -20.35 10.18
CA GLU A 281 35.40 -20.40 9.03
C GLU A 281 33.94 -20.32 9.44
N GLN A 282 33.71 -20.09 10.73
CA GLN A 282 32.36 -20.17 11.27
C GLN A 282 31.81 -18.81 11.64
N PHE A 283 30.52 -18.63 11.43
CA PHE A 283 29.84 -17.43 11.86
C PHE A 283 29.02 -17.75 13.10
N LEU A 284 29.63 -17.57 14.27
CA LEU A 284 28.99 -17.89 15.53
C LEU A 284 27.95 -16.86 15.95
N ILE A 285 26.75 -17.35 16.26
CA ILE A 285 25.73 -16.54 16.90
C ILE A 285 25.41 -17.22 18.24
N ASN A 286 25.50 -16.45 19.32
CA ASN A 286 25.42 -17.03 20.66
C ASN A 286 26.36 -18.22 20.81
N HIS A 287 27.58 -18.03 20.30
CA HIS A 287 28.62 -19.04 20.37
C HIS A 287 28.19 -20.36 19.73
N LYS A 288 27.45 -20.28 18.63
CA LYS A 288 27.07 -21.48 17.90
C LYS A 288 27.18 -21.25 16.41
N PRO A 289 27.78 -22.21 15.69
CA PRO A 289 27.85 -22.16 14.22
C PRO A 289 26.47 -21.93 13.61
N PHE A 290 26.33 -20.86 12.83
CA PHE A 290 25.06 -20.57 12.18
C PHE A 290 25.20 -20.66 10.66
N TYR A 291 24.18 -21.21 10.02
CA TYR A 291 24.15 -21.29 8.56
C TYR A 291 23.07 -20.39 7.97
N PHE A 292 23.47 -19.43 7.16
CA PHE A 292 22.53 -18.52 6.52
C PHE A 292 21.79 -19.22 5.39
N THR A 293 20.49 -18.98 5.30
CA THR A 293 19.72 -19.32 4.11
C THR A 293 18.83 -18.13 3.85
N GLY A 294 18.41 -17.93 2.61
CA GLY A 294 17.49 -16.85 2.34
C GLY A 294 17.73 -16.17 1.02
N PHE A 295 17.58 -14.85 1.03
CA PHE A 295 17.54 -14.11 -0.21
C PHE A 295 18.36 -12.84 -0.20
N GLY A 296 18.80 -12.43 -1.38
CA GLY A 296 19.13 -11.04 -1.62
C GLY A 296 17.79 -10.45 -2.00
N ARG A 297 17.36 -9.45 -1.25
CA ARG A 297 16.04 -8.89 -1.49
C ARG A 297 16.19 -7.55 -2.18
N HIS A 298 15.06 -6.91 -2.45
CA HIS A 298 15.04 -5.55 -2.95
C HIS A 298 13.82 -4.83 -2.41
N GLU A 299 13.87 -3.51 -2.44
CA GLU A 299 12.69 -2.71 -2.15
C GLU A 299 12.08 -2.29 -3.49
N ASP A 300 11.09 -3.06 -3.92
CA ASP A 300 10.55 -2.95 -5.26
C ASP A 300 9.25 -3.73 -5.35
N ALA A 301 8.22 -3.09 -5.90
CA ALA A 301 6.95 -3.73 -6.20
C ALA A 301 6.24 -2.91 -7.27
N ASP A 302 5.18 -3.47 -7.85
CA ASP A 302 4.40 -2.79 -8.87
C ASP A 302 3.88 -1.46 -8.33
N LEU A 303 3.84 -0.46 -9.20
CA LEU A 303 3.19 0.81 -8.91
C LEU A 303 3.99 1.69 -7.94
N ARG A 304 4.29 1.15 -6.76
CA ARG A 304 4.90 1.95 -5.70
C ARG A 304 6.43 2.02 -5.71
N GLY A 305 7.05 1.31 -6.65
CA GLY A 305 8.50 1.22 -6.72
C GLY A 305 9.10 0.77 -5.40
N LYS A 306 9.96 1.62 -4.84
CA LYS A 306 10.65 1.32 -3.58
C LYS A 306 9.86 1.87 -2.39
N GLY A 307 8.65 2.36 -2.64
CA GLY A 307 7.81 2.84 -1.56
C GLY A 307 7.53 1.73 -0.59
N PHE A 308 7.49 2.06 0.70
CA PHE A 308 7.20 1.07 1.72
C PHE A 308 5.71 0.72 1.72
N ASP A 309 5.39 -0.47 2.21
CA ASP A 309 4.02 -0.95 2.32
C ASP A 309 4.00 -2.06 3.36
N ASN A 310 3.01 -2.04 4.23
CA ASN A 310 2.90 -3.03 5.31
C ASN A 310 2.37 -4.38 4.78
N VAL A 311 1.48 -4.35 3.79
CA VAL A 311 0.95 -5.59 3.23
C VAL A 311 2.08 -6.35 2.55
N LEU A 312 2.75 -5.68 1.63
CA LEU A 312 3.90 -6.24 0.94
C LEU A 312 4.85 -6.90 1.93
N VAL A 314 4.29 -7.90 5.13
CA VAL A 314 3.64 -9.03 5.79
C VAL A 314 3.66 -10.25 4.91
N HIS A 315 3.32 -10.03 3.64
CA HIS A 315 3.24 -11.11 2.67
C HIS A 315 4.61 -11.73 2.42
N ASP A 316 5.59 -10.88 2.12
CA ASP A 316 6.94 -11.34 1.83
C ASP A 316 7.55 -12.14 2.97
N HIS A 317 7.26 -11.72 4.20
CA HIS A 317 7.81 -12.41 5.35
C HIS A 317 7.09 -13.74 5.57
N ALA A 318 5.80 -13.78 5.25
CA ALA A 318 5.07 -15.03 5.22
C ALA A 318 5.74 -15.98 4.23
N LEU A 319 6.04 -15.45 3.04
CA LEU A 319 6.71 -16.24 2.00
C LEU A 319 8.07 -16.75 2.43
N ASP A 321 9.01 -17.15 5.34
CA ASP A 321 8.79 -18.04 6.46
C ASP A 321 8.44 -19.41 5.91
N TRP A 322 7.48 -19.43 4.98
CA TRP A 322 7.08 -20.66 4.33
C TRP A 322 8.26 -21.39 3.66
N ILE A 323 9.04 -20.63 2.90
CA ILE A 323 10.11 -21.22 2.10
C ILE A 323 11.27 -21.70 2.96
N GLY A 324 11.34 -21.21 4.20
CA GLY A 324 12.35 -21.65 5.15
C GLY A 324 13.59 -20.78 5.21
N ALA A 325 13.51 -19.57 4.67
CA ALA A 325 14.63 -18.64 4.70
C ALA A 325 14.82 -18.10 6.11
N ASN A 326 16.04 -18.19 6.63
CA ASN A 326 16.33 -17.66 7.95
C ASN A 326 17.05 -16.32 7.91
N SER A 327 17.39 -15.83 6.71
CA SER A 327 18.13 -14.58 6.60
C SER A 327 17.91 -13.82 5.29
N TYR A 328 18.48 -12.62 5.23
CA TYR A 328 18.58 -11.85 4.00
C TYR A 328 19.51 -10.65 4.15
N ARG A 329 19.91 -10.08 3.02
CA ARG A 329 20.76 -8.91 3.00
C ARG A 329 19.97 -7.76 2.42
N THR A 330 20.04 -6.60 3.06
CA THR A 330 19.37 -5.41 2.54
C THR A 330 20.27 -5.14 1.34
N SER A 331 19.80 -5.61 0.20
CA SER A 331 20.53 -5.58 -1.07
C SER A 331 20.60 -4.09 -1.37
N HIS A 332 21.85 -3.61 -1.36
CA HIS A 332 22.25 -2.37 -2.03
C HIS A 332 21.77 -1.03 -1.51
N TYR A 333 21.15 -1.04 -0.33
CA TYR A 333 20.75 0.19 0.34
C TYR A 333 20.10 -0.17 1.66
N PRO A 334 20.22 0.73 2.66
CA PRO A 334 19.49 0.50 3.91
C PRO A 334 17.99 0.34 3.63
N TYR A 335 17.39 -0.71 4.18
CA TYR A 335 15.97 -0.92 4.05
C TYR A 335 15.23 -0.14 5.12
N ALA A 336 13.93 0.02 4.91
CA ALA A 336 13.05 0.66 5.88
C ALA A 336 13.20 -0.02 7.24
N GLU A 337 13.33 0.77 8.30
CA GLU A 337 13.53 0.19 9.63
C GLU A 337 12.45 -0.81 10.03
N GLU A 338 11.23 -0.59 9.55
CA GLU A 338 10.12 -1.49 9.86
C GLU A 338 10.54 -2.91 9.61
N LEU A 340 13.71 -4.08 9.79
CA LEU A 340 14.62 -4.48 10.85
C LEU A 340 13.89 -4.74 12.16
N ASP A 341 12.82 -3.98 12.40
CA ASP A 341 12.01 -4.22 13.58
C ASP A 341 11.34 -5.59 13.53
N TRP A 342 10.86 -5.94 12.34
CA TRP A 342 10.27 -7.25 12.11
C TRP A 342 11.30 -8.33 12.34
N ALA A 343 12.49 -8.12 11.79
CA ALA A 343 13.55 -9.10 11.90
C ALA A 343 13.90 -9.31 13.36
N ASP A 344 13.99 -8.21 14.11
CA ASP A 344 14.25 -8.25 15.55
C ASP A 344 13.24 -9.12 16.27
N GLU A 345 11.97 -8.93 15.92
CA GLU A 345 10.88 -9.58 16.64
C GLU A 345 10.67 -11.02 16.19
N HIS A 346 11.03 -11.34 14.96
CA HIS A 346 10.84 -12.71 14.47
C HIS A 346 12.12 -13.52 14.38
N GLY A 347 13.21 -12.96 14.89
CA GLY A 347 14.48 -13.66 14.94
C GLY A 347 15.14 -13.80 13.58
N ILE A 348 14.75 -12.97 12.63
CA ILE A 348 15.35 -13.01 11.30
C ILE A 348 16.73 -12.34 11.27
N VAL A 349 17.73 -13.06 10.78
CA VAL A 349 19.12 -12.59 10.72
C VAL A 349 19.39 -11.79 9.46
N VAL A 350 19.98 -10.60 9.61
CA VAL A 350 20.10 -9.66 8.49
C VAL A 350 21.53 -9.18 8.24
N ILE A 351 21.91 -9.12 6.97
CA ILE A 351 23.15 -8.50 6.58
C ILE A 351 22.84 -7.10 6.07
N ASP A 352 23.16 -6.12 6.90
CA ASP A 352 22.81 -4.74 6.65
C ASP A 352 23.81 -4.11 5.69
N GLU A 353 23.33 -3.59 4.56
CA GLU A 353 24.22 -3.09 3.53
C GLU A 353 23.99 -1.63 3.19
N THR A 354 25.07 -0.89 2.97
CA THR A 354 24.98 0.49 2.51
C THR A 354 24.53 0.52 1.07
N ALA A 355 24.27 1.72 0.58
CA ALA A 355 23.87 1.96 -0.80
C ALA A 355 25.07 2.01 -1.74
N ALA A 356 26.22 1.51 -1.28
CA ALA A 356 27.47 1.62 -2.03
C ALA A 356 27.61 0.50 -3.06
N VAL A 357 26.79 0.57 -4.11
CA VAL A 357 26.90 -0.35 -5.23
C VAL A 357 27.20 0.56 -6.42
N GLY A 358 27.94 0.06 -7.41
CA GLY A 358 28.20 0.85 -8.60
C GLY A 358 29.64 1.31 -8.75
N PHE A 359 30.49 0.98 -7.80
CA PHE A 359 31.91 1.28 -7.83
C PHE A 359 32.61 0.81 -9.12
N ASN A 360 31.88 0.01 -9.89
CA ASN A 360 32.45 -0.71 -10.99
C ASN A 360 32.10 -0.20 -12.44
N LEU A 361 33.13 -0.03 -13.27
CA LEU A 361 32.94 0.40 -14.64
C LEU A 361 33.07 -0.80 -15.58
N SER A 362 33.12 -1.99 -14.99
CA SER A 362 33.39 -3.21 -15.75
C SER A 362 32.20 -4.15 -15.85
N LEU A 363 31.06 -3.76 -15.29
CA LEU A 363 29.85 -4.55 -15.40
C LEU A 363 29.03 -4.33 -16.65
N GLY A 364 29.63 -3.67 -17.63
CA GLY A 364 28.89 -3.28 -18.81
C GLY A 364 28.42 -4.22 -19.90
N ILE A 365 27.17 -4.02 -20.33
CA ILE A 365 26.71 -4.58 -21.60
C ILE A 365 27.50 -3.83 -22.65
N GLY A 366 28.41 -4.53 -23.31
CA GLY A 366 29.40 -3.90 -24.16
C GLY A 366 28.89 -3.13 -25.37
N PHE A 367 29.82 -2.69 -26.20
CA PHE A 367 29.57 -2.15 -27.53
C PHE A 367 28.63 -0.94 -27.66
N GLU A 368 28.60 -0.08 -26.65
CA GLU A 368 27.93 1.21 -26.81
C GLU A 368 29.25 1.66 -26.20
N ALA A 369 29.79 2.76 -26.74
CA ALA A 369 31.08 3.29 -26.30
C ALA A 369 30.85 3.70 -24.84
N GLY A 370 29.97 4.68 -24.63
CA GLY A 370 29.51 5.07 -23.31
C GLY A 370 30.72 5.39 -22.45
N ASN A 371 31.60 6.23 -22.98
CA ASN A 371 32.89 6.52 -22.37
C ASN A 371 32.51 6.71 -20.91
N LYS A 372 33.13 5.89 -20.05
CA LYS A 372 33.08 6.09 -18.62
C LYS A 372 34.54 6.49 -18.40
N PRO A 373 34.85 7.06 -17.24
CA PRO A 373 36.25 7.32 -16.88
C PRO A 373 37.07 6.05 -17.00
N LYS A 374 38.33 6.18 -17.41
CA LYS A 374 39.18 5.03 -17.60
C LYS A 374 39.82 4.58 -16.29
N GLU A 375 39.88 5.48 -15.31
CA GLU A 375 40.39 5.16 -13.99
C GLU A 375 39.28 5.19 -12.95
N LEU A 376 38.92 4.03 -12.44
CA LEU A 376 37.85 3.94 -11.46
C LEU A 376 38.17 4.76 -10.22
N TYR A 377 39.37 4.59 -9.67
CA TYR A 377 39.79 5.37 -8.52
C TYR A 377 40.66 6.53 -8.97
N SER A 378 40.02 7.67 -9.22
CA SER A 378 40.70 8.84 -9.72
C SER A 378 39.85 10.08 -9.47
N GLU A 379 40.49 11.25 -9.49
CA GLU A 379 39.79 12.51 -9.20
C GLU A 379 38.55 12.69 -10.07
N GLU A 380 38.58 12.13 -11.28
CA GLU A 380 37.44 12.28 -12.18
C GLU A 380 36.34 11.40 -11.59
N ALA A 381 36.63 10.12 -11.39
CA ALA A 381 35.69 9.20 -10.78
C ALA A 381 35.25 8.67 -9.42
N VAL A 382 36.21 8.23 -8.63
CA VAL A 382 35.93 7.76 -7.27
C VAL A 382 37.13 8.45 -6.65
N ASN A 383 36.87 9.49 -5.86
CA ASN A 383 37.94 10.30 -5.29
C ASN A 383 37.72 10.60 -3.82
N GLY A 384 38.61 11.42 -3.26
CA GLY A 384 38.57 11.76 -1.85
C GLY A 384 37.20 12.12 -1.30
N GLU A 385 36.47 12.94 -2.04
CA GLU A 385 35.10 13.29 -1.67
C GLU A 385 34.21 12.07 -1.66
N THR A 386 34.40 11.20 -2.64
CA THR A 386 33.60 9.98 -2.73
C THR A 386 33.82 9.16 -1.48
N GLN A 387 35.08 8.99 -1.12
CA GLN A 387 35.42 8.22 0.06
C GLN A 387 34.75 8.81 1.28
N GLN A 388 34.73 10.14 1.36
CA GLN A 388 34.05 10.81 2.46
C GLN A 388 32.57 10.46 2.46
N ALA A 389 31.91 10.70 1.33
CA ALA A 389 30.48 10.41 1.17
C ALA A 389 30.18 8.97 1.53
N HIS A 390 31.07 8.08 1.10
CA HIS A 390 30.99 6.67 1.45
C HIS A 390 31.05 6.51 2.96
N LEU A 391 32.12 7.04 3.56
CA LEU A 391 32.26 7.05 5.01
C LEU A 391 30.98 7.57 5.67
N GLN A 392 30.51 8.71 5.19
CA GLN A 392 29.28 9.31 5.70
C GLN A 392 28.13 8.31 5.65
N ALA A 393 28.01 7.60 4.54
CA ALA A 393 26.92 6.65 4.35
C ALA A 393 27.01 5.53 5.38
N ILE A 394 28.23 5.03 5.59
CA ILE A 394 28.47 4.03 6.62
C ILE A 394 28.01 4.54 7.99
N LYS A 395 28.46 5.75 8.35
CA LYS A 395 28.09 6.37 9.61
C LYS A 395 26.58 6.40 9.81
N GLU A 396 25.87 7.00 8.85
CA GLU A 396 24.43 7.17 8.94
C GLU A 396 23.68 5.84 9.05
N LEU A 397 24.20 4.80 8.41
CA LEU A 397 23.60 3.48 8.50
C LEU A 397 23.80 2.88 9.89
N ILE A 398 25.04 2.87 10.36
CA ILE A 398 25.34 2.31 11.67
C ILE A 398 24.60 3.06 12.79
N ALA A 399 24.58 4.38 12.70
CA ALA A 399 23.90 5.22 13.68
C ALA A 399 22.46 4.78 13.84
N ARG A 400 21.87 4.33 12.74
CA ARG A 400 20.46 3.96 12.73
C ARG A 400 20.23 2.53 13.22
N ASP A 401 21.15 1.63 12.90
CA ASP A 401 20.88 0.21 13.03
C ASP A 401 21.72 -0.51 14.08
N LYS A 402 22.55 0.25 14.77
CA LYS A 402 23.48 -0.32 15.74
C LYS A 402 22.81 -1.15 16.82
N ASN A 403 21.53 -0.88 17.08
CA ASN A 403 20.81 -1.50 18.19
C ASN A 403 19.91 -2.66 17.78
N HIS A 404 19.73 -2.85 16.47
CA HIS A 404 18.95 -3.97 15.98
C HIS A 404 19.72 -5.28 16.15
N PRO A 405 19.17 -6.21 16.94
CA PRO A 405 19.83 -7.51 17.17
C PRO A 405 19.85 -8.32 15.89
N SER A 406 18.87 -8.08 15.03
CA SER A 406 18.74 -8.81 13.78
C SER A 406 19.97 -8.58 12.89
N VAL A 407 20.55 -7.39 12.95
CA VAL A 407 21.75 -7.10 12.17
C VAL A 407 22.93 -7.86 12.75
N VAL A 408 23.52 -8.74 11.94
CA VAL A 408 24.61 -9.60 12.39
C VAL A 408 25.93 -9.27 11.69
N TRP A 410 27.82 -5.90 8.92
CA TRP A 410 27.69 -4.73 8.06
C TRP A 410 28.31 -5.04 6.71
N SER A 411 27.68 -4.54 5.66
CA SER A 411 28.20 -4.71 4.32
C SER A 411 28.48 -3.32 3.78
N ILE A 412 29.76 -3.06 3.54
CA ILE A 412 30.20 -1.71 3.22
C ILE A 412 29.82 -1.31 1.80
N ALA A 413 29.71 -2.31 0.92
CA ALA A 413 29.52 -2.06 -0.50
C ALA A 413 29.28 -3.37 -1.25
N ASN A 414 28.86 -3.24 -2.51
CA ASN A 414 28.51 -4.39 -3.32
C ASN A 414 29.20 -4.36 -4.69
N GLU A 415 30.09 -5.32 -4.93
CA GLU A 415 30.70 -5.49 -6.23
C GLU A 415 31.51 -4.29 -6.72
N PRO A 416 32.40 -3.75 -5.88
CA PRO A 416 33.33 -2.75 -6.43
C PRO A 416 34.37 -3.45 -7.27
N ASP A 417 34.88 -2.79 -8.30
CA ASP A 417 36.03 -3.32 -9.04
C ASP A 417 37.28 -3.12 -8.18
N THR A 418 37.83 -4.22 -7.67
CA THR A 418 38.98 -4.16 -6.76
C THR A 418 40.30 -4.41 -7.48
N ARG A 419 40.24 -4.56 -8.79
CA ARG A 419 41.46 -4.77 -9.58
C ARG A 419 42.31 -3.50 -9.69
N PRO A 420 41.72 -2.38 -10.14
CA PRO A 420 42.49 -1.14 -10.29
C PRO A 420 43.32 -0.85 -9.04
N GLN A 421 44.41 -0.12 -9.21
CA GLN A 421 45.38 0.12 -8.15
C GLN A 421 44.86 0.84 -6.91
N GLY A 422 43.98 1.81 -7.10
CA GLY A 422 43.50 2.61 -5.98
C GLY A 422 42.49 1.93 -5.08
N ALA A 423 42.03 0.74 -5.47
CA ALA A 423 40.99 0.03 -4.73
C ALA A 423 41.35 -0.12 -3.26
N ARG A 424 42.49 -0.74 -2.99
CA ARG A 424 42.89 -0.99 -1.60
C ARG A 424 43.11 0.31 -0.84
N GLU A 425 43.60 1.33 -1.56
CA GLU A 425 43.85 2.63 -0.96
C GLU A 425 42.54 3.29 -0.55
N TYR A 426 41.48 3.02 -1.32
CA TYR A 426 40.18 3.63 -1.08
C TYR A 426 39.41 2.94 0.03
N PHE A 427 39.51 1.61 0.11
CA PHE A 427 38.70 0.82 1.04
C PHE A 427 39.33 0.60 2.40
N ALA A 428 40.65 0.48 2.46
CA ALA A 428 41.31 0.25 3.74
C ALA A 428 40.80 1.19 4.84
N PRO A 429 40.82 2.50 4.58
CA PRO A 429 40.34 3.42 5.62
C PRO A 429 38.87 3.23 5.97
N LEU A 430 38.06 2.78 5.01
CA LEU A 430 36.64 2.60 5.23
C LEU A 430 36.39 1.37 6.10
N ALA A 431 37.20 0.33 5.92
CA ALA A 431 37.09 -0.86 6.75
C ALA A 431 37.51 -0.54 8.19
N GLU A 432 38.56 0.24 8.35
CA GLU A 432 39.00 0.63 9.69
C GLU A 432 38.00 1.52 10.38
N ALA A 433 37.45 2.49 9.65
CA ALA A 433 36.47 3.41 10.20
C ALA A 433 35.22 2.65 10.67
N THR A 434 34.71 1.79 9.80
CA THR A 434 33.52 1.01 10.11
C THR A 434 33.68 0.24 11.41
N ARG A 435 34.84 -0.36 11.61
CA ARG A 435 35.08 -1.11 12.84
C ARG A 435 35.06 -0.18 14.04
N LYS A 436 35.60 1.03 13.89
CA LYS A 436 35.56 2.01 14.97
C LYS A 436 34.12 2.29 15.32
N LEU A 437 33.32 2.60 14.30
CA LEU A 437 31.92 2.95 14.49
C LEU A 437 31.12 1.85 15.16
N ASP A 438 31.42 0.60 14.85
CA ASP A 438 30.76 -0.53 15.49
C ASP A 438 31.81 -1.62 15.60
N PRO A 439 32.18 -1.98 16.83
CA PRO A 439 33.18 -3.01 17.13
C PRO A 439 32.45 -4.32 17.36
N THR A 440 31.13 -4.29 17.45
CA THR A 440 30.38 -5.46 17.89
C THR A 440 29.89 -6.36 16.74
N ARG A 441 30.23 -6.00 15.52
CA ARG A 441 29.79 -6.78 14.37
C ARG A 441 30.89 -7.03 13.35
N PRO A 442 30.91 -8.23 12.76
CA PRO A 442 31.82 -8.53 11.66
C PRO A 442 31.49 -7.66 10.47
N ILE A 443 32.49 -7.39 9.65
CA ILE A 443 32.32 -6.47 8.53
C ILE A 443 32.59 -7.17 7.21
N THR A 444 31.91 -6.75 6.15
CA THR A 444 32.09 -7.36 4.84
C THR A 444 31.91 -6.39 3.68
N CYS A 445 32.30 -6.85 2.50
CA CYS A 445 32.23 -6.05 1.29
C CYS A 445 31.97 -7.02 0.14
N VAL A 446 30.75 -6.98 -0.39
CA VAL A 446 30.28 -8.02 -1.32
C VAL A 446 31.06 -8.09 -2.63
N ASN A 447 31.56 -9.28 -2.94
CA ASN A 447 32.56 -9.46 -3.99
C ASN A 447 32.01 -9.90 -5.34
N VAL A 448 32.36 -9.15 -6.40
CA VAL A 448 31.99 -9.49 -7.76
C VAL A 448 32.90 -10.57 -8.32
N PHE A 450 34.51 -11.40 -11.16
CA PHE A 450 35.74 -11.25 -11.93
C PHE A 450 36.90 -10.73 -11.09
N CYS A 451 36.60 -10.33 -9.85
CA CYS A 451 37.65 -10.12 -8.87
C CYS A 451 37.72 -11.36 -8.01
N ASP A 452 38.27 -12.42 -8.58
CA ASP A 452 38.32 -13.70 -7.90
C ASP A 452 39.43 -13.75 -6.87
N ALA A 453 39.63 -14.96 -6.35
CA ALA A 453 40.60 -15.22 -5.29
C ALA A 453 42.02 -14.85 -5.70
N HIS A 454 42.26 -14.75 -7.00
CA HIS A 454 43.61 -14.46 -7.47
C HIS A 454 43.83 -12.99 -7.84
N THR A 455 42.75 -12.24 -8.05
CA THR A 455 42.88 -10.87 -8.51
C THR A 455 42.31 -9.83 -7.56
N ASP A 456 41.59 -10.30 -6.55
CA ASP A 456 40.99 -9.39 -5.58
C ASP A 456 42.06 -8.82 -4.65
N THR A 457 41.90 -7.55 -4.26
CA THR A 457 42.90 -6.86 -3.48
C THR A 457 42.39 -6.42 -2.12
N ILE A 458 41.09 -6.61 -1.88
CA ILE A 458 40.44 -6.02 -0.71
C ILE A 458 39.93 -6.90 0.41
N SER A 459 39.65 -8.16 0.08
CA SER A 459 38.86 -9.03 0.95
C SER A 459 39.50 -9.35 2.29
N ASP A 460 40.82 -9.31 2.36
CA ASP A 460 41.50 -9.57 3.62
C ASP A 460 41.19 -8.51 4.68
N LEU A 461 40.78 -7.32 4.22
CA LEU A 461 40.45 -6.23 5.13
C LEU A 461 39.11 -6.41 5.83
N PHE A 462 38.40 -7.49 5.51
CA PHE A 462 37.08 -7.72 6.10
C PHE A 462 37.03 -9.06 6.84
N ASP A 463 35.90 -9.37 7.46
CA ASP A 463 35.84 -10.52 8.37
C ASP A 463 35.18 -11.74 7.73
N VAL A 464 34.10 -11.49 7.00
CA VAL A 464 33.36 -12.55 6.34
C VAL A 464 33.42 -12.34 4.84
N LEU A 465 33.55 -13.44 4.11
CA LEU A 465 33.65 -13.38 2.66
C LEU A 465 32.28 -13.60 2.01
N CYS A 466 31.74 -12.54 1.41
CA CYS A 466 30.43 -12.60 0.78
C CYS A 466 30.60 -12.55 -0.73
N LEU A 467 30.32 -13.68 -1.38
CA LEU A 467 30.56 -13.84 -2.82
C LEU A 467 29.30 -13.76 -3.66
N ASN A 468 29.40 -13.03 -4.77
CA ASN A 468 28.35 -13.01 -5.78
C ASN A 468 28.79 -13.84 -6.99
N ARG A 469 28.29 -15.06 -7.11
CA ARG A 469 28.73 -15.97 -8.17
C ARG A 469 27.67 -16.49 -9.17
N TYR A 470 27.96 -16.30 -10.45
CA TYR A 470 27.05 -16.69 -11.53
C TYR A 470 27.52 -17.70 -12.58
N TYR A 471 28.54 -18.47 -12.24
CA TYR A 471 29.01 -19.56 -13.08
C TYR A 471 27.86 -20.37 -13.65
N GLY A 472 27.82 -20.49 -14.97
CA GLY A 472 26.76 -21.22 -15.61
C GLY A 472 25.69 -20.29 -16.14
N TRP A 473 25.86 -19.00 -15.89
CA TRP A 473 24.93 -18.03 -16.43
C TRP A 473 25.64 -17.00 -17.31
N TYR A 474 26.27 -16.00 -16.69
CA TYR A 474 27.00 -14.99 -17.45
C TYR A 474 28.24 -15.61 -18.10
N VAL A 475 28.66 -16.74 -17.55
CA VAL A 475 29.90 -17.40 -17.93
C VAL A 475 29.69 -18.91 -17.82
N GLN A 476 30.29 -19.68 -18.72
CA GLN A 476 29.93 -21.09 -18.91
C GLN A 476 28.43 -21.16 -19.11
N SER A 477 27.89 -20.24 -19.90
CA SER A 477 26.44 -20.09 -20.06
C SER A 477 25.79 -21.45 -20.40
N GLY A 478 24.84 -21.82 -19.55
CA GLY A 478 24.02 -22.99 -19.74
C GLY A 478 24.77 -24.32 -19.65
N ASP A 479 25.92 -24.28 -18.98
CA ASP A 479 26.79 -25.44 -18.89
C ASP A 479 26.98 -25.73 -17.40
N LEU A 480 26.14 -26.60 -16.87
CA LEU A 480 26.20 -26.95 -15.45
C LEU A 480 27.44 -27.76 -15.11
N GLU A 481 27.86 -28.61 -16.05
CA GLU A 481 28.96 -29.52 -15.81
C GLU A 481 30.24 -28.77 -15.50
N THR A 482 30.55 -27.76 -16.31
CA THR A 482 31.79 -27.01 -16.17
C THR A 482 31.67 -25.89 -15.15
N ALA A 483 30.47 -25.32 -15.03
CA ALA A 483 30.19 -24.31 -14.01
C ALA A 483 30.46 -24.87 -12.61
N GLU A 484 30.17 -26.15 -12.42
CA GLU A 484 30.34 -26.80 -11.11
C GLU A 484 31.81 -26.99 -10.76
N LYS A 485 32.61 -27.36 -11.75
CA LYS A 485 34.05 -27.52 -11.54
C LYS A 485 34.67 -26.19 -11.15
N VAL A 486 34.28 -25.13 -11.86
CA VAL A 486 34.78 -23.79 -11.60
C VAL A 486 34.32 -23.25 -10.25
N LEU A 487 33.02 -23.37 -9.97
CA LEU A 487 32.47 -22.85 -8.73
C LEU A 487 33.22 -23.41 -7.53
N GLU A 488 33.36 -24.73 -7.51
CA GLU A 488 33.98 -25.39 -6.37
C GLU A 488 35.46 -25.06 -6.26
N LYS A 489 36.09 -24.86 -7.41
CA LYS A 489 37.50 -24.53 -7.46
C LYS A 489 37.74 -23.13 -6.90
N GLU A 490 36.86 -22.22 -7.29
CA GLU A 490 36.94 -20.83 -6.84
C GLU A 490 36.65 -20.72 -5.34
N LEU A 491 35.74 -21.55 -4.85
CA LEU A 491 35.40 -21.52 -3.44
C LEU A 491 36.53 -22.08 -2.59
N LEU A 492 37.13 -23.18 -3.04
CA LEU A 492 38.28 -23.71 -2.33
C LEU A 492 39.46 -22.74 -2.35
N ALA A 493 39.62 -22.00 -3.45
CA ALA A 493 40.65 -20.98 -3.52
C ALA A 493 40.48 -19.95 -2.41
N TRP A 494 39.28 -19.40 -2.31
CA TRP A 494 38.95 -18.43 -1.27
C TRP A 494 39.15 -19.01 0.14
N GLN A 495 38.77 -20.28 0.31
CA GLN A 495 38.93 -20.92 1.60
C GLN A 495 40.40 -20.91 2.02
N GLU A 496 41.27 -21.44 1.17
CA GLU A 496 42.68 -21.52 1.51
C GLU A 496 43.38 -20.17 1.53
N LYS A 497 42.87 -19.21 0.77
CA LYS A 497 43.48 -17.88 0.72
C LYS A 497 43.27 -17.12 2.04
N LEU A 498 42.01 -16.99 2.45
CA LEU A 498 41.67 -16.15 3.61
C LEU A 498 41.21 -16.88 4.85
N HIS A 499 40.76 -18.13 4.69
CA HIS A 499 40.22 -18.91 5.80
C HIS A 499 39.13 -18.16 6.55
N GLN A 500 38.36 -17.36 5.82
CA GLN A 500 37.22 -16.68 6.39
C GLN A 500 36.00 -17.54 6.14
N PRO A 501 34.90 -17.26 6.86
CA PRO A 501 33.62 -17.89 6.52
C PRO A 501 33.09 -17.34 5.21
N ILE A 502 32.78 -18.20 4.25
CA ILE A 502 32.21 -17.74 2.98
C ILE A 502 30.68 -17.78 2.99
N ILE A 503 30.08 -16.68 2.56
CA ILE A 503 28.66 -16.66 2.29
C ILE A 503 28.45 -16.32 0.82
N ILE A 504 27.78 -17.21 0.09
CA ILE A 504 27.37 -16.86 -1.26
C ILE A 504 26.15 -15.97 -1.11
N THR A 505 26.34 -14.67 -1.31
CA THR A 505 25.27 -13.70 -1.10
C THR A 505 24.47 -13.43 -2.36
N GLU A 506 24.93 -13.99 -3.48
CA GLU A 506 24.19 -13.94 -4.73
C GLU A 506 24.45 -15.18 -5.57
N TYR A 507 23.38 -15.86 -5.91
CA TYR A 507 23.44 -16.95 -6.89
C TYR A 507 22.01 -17.13 -7.38
N GLY A 508 21.85 -17.15 -8.70
CA GLY A 508 20.55 -17.26 -9.32
C GLY A 508 20.66 -17.10 -10.81
N VAL A 509 19.56 -17.35 -11.52
CA VAL A 509 19.54 -17.27 -12.97
C VAL A 509 18.24 -16.63 -13.43
N ASP A 510 18.29 -15.79 -14.46
CA ASP A 510 17.05 -15.23 -14.98
C ASP A 510 16.14 -16.37 -15.38
N THR A 511 14.86 -16.26 -15.00
CA THR A 511 13.90 -17.31 -15.25
C THR A 511 12.54 -16.71 -15.57
N LEU A 512 12.06 -16.96 -16.78
CA LEU A 512 10.72 -16.56 -17.15
C LEU A 512 9.70 -17.47 -16.51
N ALA A 513 8.83 -16.92 -15.68
CA ALA A 513 7.71 -17.70 -15.15
C ALA A 513 6.92 -18.27 -16.33
N GLY A 514 6.72 -19.59 -16.31
CA GLY A 514 5.88 -20.23 -17.32
C GLY A 514 6.64 -20.70 -18.55
N LEU A 515 7.94 -20.46 -18.57
CA LEU A 515 8.80 -20.93 -19.66
C LEU A 515 9.32 -22.28 -19.25
N HIS A 516 8.75 -23.32 -19.85
CA HIS A 516 9.10 -24.70 -19.52
C HIS A 516 9.88 -25.33 -20.66
N SER A 517 10.78 -26.24 -20.33
CA SER A 517 11.64 -26.84 -21.34
C SER A 517 12.13 -28.23 -20.95
N TYR A 519 14.64 -29.56 -22.27
CA TYR A 519 16.08 -29.52 -22.48
C TYR A 519 16.74 -28.75 -21.34
N THR A 520 15.94 -28.45 -20.32
CA THR A 520 16.41 -27.76 -19.12
C THR A 520 17.41 -26.60 -19.23
N ASP A 521 17.26 -25.84 -20.33
CA ASP A 521 18.13 -24.71 -20.63
C ASP A 521 17.78 -23.36 -20.01
N TRP A 523 16.61 -20.00 -19.58
CA TRP A 523 15.61 -19.03 -19.11
C TRP A 523 14.35 -19.79 -18.69
N SER A 524 14.50 -21.07 -18.36
CA SER A 524 13.34 -21.91 -18.08
C SER A 524 13.28 -22.25 -16.61
N GLU A 525 12.06 -22.41 -16.09
CA GLU A 525 11.86 -22.74 -14.69
C GLU A 525 12.68 -23.97 -14.28
N GLU A 526 12.84 -24.91 -15.21
CA GLU A 526 13.56 -26.15 -14.95
C GLU A 526 15.04 -25.92 -14.77
N TYR A 527 15.59 -24.99 -15.56
CA TYR A 527 16.99 -24.63 -15.45
C TYR A 527 17.25 -24.00 -14.12
N GLN A 528 16.37 -23.07 -13.73
CA GLN A 528 16.56 -22.36 -12.47
C GLN A 528 16.72 -23.40 -11.35
N CYS A 529 15.91 -24.45 -11.43
CA CYS A 529 16.00 -25.55 -10.47
C CYS A 529 17.31 -26.33 -10.58
N ALA A 530 17.75 -26.60 -11.80
CA ALA A 530 18.93 -27.43 -11.99
C ALA A 530 20.16 -26.64 -11.59
N TRP A 531 20.11 -25.34 -11.84
CA TRP A 531 21.21 -24.46 -11.49
C TRP A 531 21.37 -24.37 -9.99
N LEU A 532 20.31 -23.96 -9.32
CA LEU A 532 20.31 -23.84 -7.86
C LEU A 532 20.73 -25.15 -7.22
N ASP A 533 20.30 -26.25 -7.83
CA ASP A 533 20.55 -27.55 -7.26
C ASP A 533 22.04 -27.85 -7.28
N TYR A 535 24.59 -25.56 -7.42
CA TYR A 535 25.24 -24.72 -6.43
C TYR A 535 25.16 -25.36 -5.06
N HIS A 536 23.98 -25.85 -4.70
CA HIS A 536 23.79 -26.46 -3.39
C HIS A 536 24.66 -27.69 -3.17
N ARG A 537 24.88 -28.48 -4.23
CA ARG A 537 25.74 -29.65 -4.11
C ARG A 537 27.15 -29.18 -3.75
N VAL A 538 27.61 -28.14 -4.45
CA VAL A 538 28.94 -27.60 -4.21
C VAL A 538 29.05 -27.05 -2.79
N PHE A 539 28.11 -26.20 -2.39
CA PHE A 539 28.15 -25.62 -1.05
C PHE A 539 28.33 -26.68 0.01
N ASP A 540 27.56 -27.77 -0.10
CA ASP A 540 27.59 -28.82 0.90
C ASP A 540 28.91 -29.60 0.89
N ARG A 541 29.74 -29.32 -0.10
CA ARG A 541 31.05 -29.97 -0.16
C ARG A 541 32.14 -29.09 0.43
N VAL A 542 31.86 -27.79 0.53
CA VAL A 542 32.83 -26.83 1.02
C VAL A 542 32.52 -26.37 2.44
N SER A 543 33.40 -26.73 3.38
CA SER A 543 33.15 -26.46 4.79
C SER A 543 33.12 -24.98 5.15
N ALA A 544 33.82 -24.16 4.38
CA ALA A 544 33.92 -22.74 4.72
C ALA A 544 32.67 -21.99 4.30
N VAL A 545 31.86 -22.63 3.46
CA VAL A 545 30.59 -22.05 3.07
C VAL A 545 29.65 -22.11 4.26
N VAL A 546 29.18 -20.95 4.66
CA VAL A 546 28.48 -20.82 5.93
C VAL A 546 27.12 -20.18 5.66
N GLY A 547 26.86 -19.82 4.41
CA GLY A 547 25.62 -19.18 4.02
C GLY A 547 25.29 -19.20 2.54
N GLU A 548 24.00 -19.22 2.24
CA GLU A 548 23.52 -19.22 0.87
C GLU A 548 22.32 -18.31 0.74
N GLN A 549 22.48 -17.21 0.03
CA GLN A 549 21.38 -16.29 -0.20
C GLN A 549 21.14 -16.13 -1.68
N VAL A 550 20.03 -16.69 -2.12
CA VAL A 550 19.72 -16.78 -3.54
C VAL A 550 19.62 -15.37 -4.09
N TRP A 551 20.01 -15.12 -5.34
CA TRP A 551 19.95 -13.76 -5.77
C TRP A 551 18.62 -13.08 -5.75
N ASN A 552 17.49 -13.57 -6.22
CA ASN A 552 16.48 -12.63 -5.81
C ASN A 552 15.10 -13.13 -5.47
N PHE A 553 14.61 -12.88 -4.33
CA PHE A 553 13.36 -13.52 -4.05
C PHE A 553 12.37 -13.11 -5.01
N ALA A 554 12.42 -11.88 -5.53
CA ALA A 554 11.43 -11.67 -6.58
C ALA A 554 11.89 -10.78 -7.74
N ASP A 555 11.29 -10.97 -8.91
CA ASP A 555 11.65 -10.15 -10.06
C ASP A 555 11.47 -8.68 -9.71
N PHE A 556 12.39 -7.85 -10.20
CA PHE A 556 12.34 -6.42 -9.94
C PHE A 556 12.66 -5.61 -11.18
N ALA A 557 12.32 -4.33 -11.15
CA ALA A 557 12.57 -3.46 -12.29
C ALA A 557 14.03 -3.07 -12.37
N THR A 558 14.53 -2.88 -13.58
CA THR A 558 15.90 -2.43 -13.81
C THR A 558 15.85 -1.37 -14.89
N SER A 559 17.01 -0.79 -15.20
CA SER A 559 17.10 0.11 -16.34
C SER A 559 16.98 -0.73 -17.60
N GLN A 560 16.41 -0.16 -18.65
CA GLN A 560 16.21 -0.85 -19.91
C GLN A 560 17.53 -1.34 -20.52
N GLY A 561 17.53 -2.54 -21.09
CA GLY A 561 18.71 -3.10 -21.72
C GLY A 561 18.46 -4.45 -22.37
N ILE A 562 19.42 -4.89 -23.19
CA ILE A 562 19.27 -6.16 -23.89
C ILE A 562 19.44 -7.38 -22.97
N LEU A 563 19.94 -7.16 -21.76
CA LEU A 563 20.10 -8.26 -20.81
C LEU A 563 18.85 -8.45 -19.96
N ARG A 564 18.05 -7.39 -19.86
CA ARG A 564 16.94 -7.38 -18.91
C ARG A 564 15.58 -7.39 -19.62
N VAL A 565 14.88 -8.51 -19.52
CA VAL A 565 13.56 -8.63 -20.13
C VAL A 565 12.52 -7.99 -19.21
N GLY A 566 12.18 -6.74 -19.50
CA GLY A 566 11.30 -5.97 -18.65
C GLY A 566 11.74 -5.99 -17.20
N GLY A 567 13.05 -6.12 -16.99
CA GLY A 567 13.60 -6.15 -15.65
C GLY A 567 14.45 -7.37 -15.38
N ASN A 568 14.90 -7.52 -14.13
CA ASN A 568 15.64 -8.69 -13.70
C ASN A 568 14.65 -9.82 -13.41
N LYS A 569 14.91 -11.01 -13.95
CA LYS A 569 14.03 -12.16 -13.76
C LYS A 569 14.68 -13.24 -12.92
N LYS A 570 15.57 -12.86 -12.01
CA LYS A 570 16.24 -13.85 -11.20
C LYS A 570 15.42 -14.14 -9.93
N GLY A 571 14.23 -13.56 -9.89
CA GLY A 571 13.35 -13.80 -8.78
C GLY A 571 13.00 -15.26 -8.62
N ILE A 572 12.87 -15.70 -7.37
CA ILE A 572 12.28 -16.99 -7.04
C ILE A 572 10.77 -16.82 -7.19
N PHE A 573 10.30 -15.64 -6.79
CA PHE A 573 8.92 -15.26 -6.99
C PHE A 573 8.85 -14.17 -8.05
N THR A 574 7.72 -14.07 -8.73
CA THR A 574 7.47 -12.98 -9.67
C THR A 574 7.34 -11.70 -8.87
N ARG A 575 7.13 -10.58 -9.56
CA ARG A 575 7.00 -9.30 -8.89
C ARG A 575 5.64 -9.15 -8.22
N ASP A 576 4.65 -9.90 -8.69
CA ASP A 576 3.36 -9.97 -8.01
C ASP A 576 3.37 -11.18 -7.08
N ARG A 577 4.57 -11.61 -6.69
CA ARG A 577 4.77 -12.61 -5.64
C ARG A 577 4.26 -14.02 -5.93
N LYS A 578 4.12 -14.36 -7.20
CA LYS A 578 3.73 -15.73 -7.57
C LYS A 578 5.00 -16.56 -7.72
N PRO A 579 4.99 -17.78 -7.17
CA PRO A 579 6.18 -18.61 -7.06
C PRO A 579 6.51 -19.35 -8.33
N LYS A 580 7.78 -19.30 -8.72
CA LYS A 580 8.26 -20.14 -9.80
C LYS A 580 8.60 -21.48 -9.15
N SER A 581 8.73 -22.52 -9.97
CA SER A 581 8.91 -23.86 -9.42
C SER A 581 10.12 -23.97 -8.51
N ALA A 582 11.10 -23.09 -8.70
CA ALA A 582 12.29 -23.10 -7.85
C ALA A 582 11.93 -22.78 -6.41
N ALA A 583 10.80 -22.10 -6.21
CA ALA A 583 10.37 -21.76 -4.86
C ALA A 583 10.16 -23.02 -4.03
N PHE A 584 9.57 -24.03 -4.64
CA PHE A 584 9.29 -25.29 -3.95
C PHE A 584 10.57 -26.10 -3.75
N LEU A 585 11.50 -25.95 -4.68
CA LEU A 585 12.83 -26.54 -4.54
C LEU A 585 13.47 -26.05 -3.25
N LEU A 586 13.49 -24.73 -3.06
CA LEU A 586 14.14 -24.15 -1.88
C LEU A 586 13.42 -24.50 -0.59
N GLN A 587 12.09 -24.51 -0.63
CA GLN A 587 11.34 -24.80 0.56
C GLN A 587 11.65 -26.20 1.08
N LYS A 588 11.97 -27.12 0.18
CA LYS A 588 12.34 -28.47 0.58
C LYS A 588 13.72 -28.53 1.21
N ARG A 589 14.69 -27.91 0.56
CA ARG A 589 16.05 -27.86 1.08
C ARG A 589 16.12 -27.08 2.39
N TRP A 590 15.48 -25.92 2.45
CA TRP A 590 15.62 -25.07 3.63
C TRP A 590 14.83 -25.58 4.84
N THR A 591 13.61 -26.03 4.63
CA THR A 591 12.82 -26.57 5.73
C THR A 591 13.32 -27.97 6.09
N GLY A 592 13.98 -28.61 5.13
CA GLY A 592 14.56 -29.93 5.33
C GLY A 592 15.77 -29.99 6.25
N ASN A 594 18.14 -29.21 9.54
CA ASN A 594 18.01 -28.76 10.90
C ASN A 594 18.21 -27.25 10.91
N PHE A 595 17.33 -26.54 11.61
CA PHE A 595 17.37 -25.08 11.59
C PHE A 595 18.76 -24.49 11.82
N GLY A 596 19.11 -23.51 11.01
CA GLY A 596 20.36 -22.78 11.15
C GLY A 596 21.59 -23.65 11.26
N GLU A 597 21.61 -24.77 10.53
CA GLU A 597 22.74 -25.68 10.59
C GLU A 597 23.13 -26.19 9.21
N LYS A 598 24.43 -26.17 8.92
CA LYS A 598 24.94 -26.60 7.62
C LYS A 598 24.69 -28.09 7.41
N PRO A 599 24.26 -28.48 6.19
CA PRO A 599 24.02 -29.89 5.87
C PRO A 599 25.25 -30.77 6.07
N GLN A 600 25.04 -31.99 6.56
CA GLN A 600 26.10 -32.97 6.75
C GLN A 600 26.10 -32.76 5.23
N GLN A 601 27.10 -33.35 4.58
CA GLN A 601 27.30 -33.23 3.14
C GLN A 601 26.28 -33.75 2.12
N GLY A 602 25.31 -34.48 2.64
CA GLY A 602 24.25 -35.07 1.84
C GLY A 602 23.03 -35.46 2.66
N GLY A 603 21.90 -35.63 1.99
CA GLY A 603 20.65 -35.97 2.66
C GLY A 603 20.65 -37.25 3.47
N SER B 1 -28.16 6.84 11.68
CA SER B 1 -27.35 7.79 12.45
C SER B 1 -26.64 8.80 11.54
N HIS B 2 -25.83 9.64 12.16
CA HIS B 2 -25.25 10.80 11.47
C HIS B 2 -23.78 10.57 11.15
N LEU B 4 -20.27 12.02 9.26
CA LEU B 4 -19.47 13.07 8.64
C LEU B 4 -18.05 12.61 8.38
N ARG B 5 -17.55 12.90 7.19
CA ARG B 5 -16.16 12.62 6.85
C ARG B 5 -15.26 13.50 7.72
N PRO B 6 -14.45 12.88 8.59
CA PRO B 6 -13.56 13.63 9.48
C PRO B 6 -12.49 14.45 8.76
N VAL B 7 -12.45 15.75 9.03
CA VAL B 7 -11.38 16.62 8.55
C VAL B 7 -10.75 17.33 9.74
N GLU B 8 -9.66 18.06 9.53
CA GLU B 8 -8.96 18.71 10.64
C GLU B 8 -8.51 19.86 11.56
N THR B 9 -9.23 20.98 11.48
CA THR B 9 -9.22 22.02 12.54
C THR B 9 -9.57 22.26 14.03
N PRO B 10 -10.87 22.23 14.41
CA PRO B 10 -11.15 22.07 15.84
C PRO B 10 -11.28 20.58 16.12
N THR B 11 -10.88 19.81 15.12
CA THR B 11 -10.91 18.35 15.17
C THR B 11 -9.54 17.84 14.77
N ARG B 12 -9.12 16.71 15.34
CA ARG B 12 -7.83 16.12 15.02
C ARG B 12 -7.83 14.59 15.04
N GLU B 13 -7.20 13.98 14.04
CA GLU B 13 -7.14 12.52 13.95
C GLU B 13 -5.74 11.98 14.20
N ILE B 14 -5.67 10.93 15.01
CA ILE B 14 -4.51 10.07 15.03
C ILE B 14 -4.94 8.84 14.25
N LYS B 15 -4.39 8.67 13.05
CA LYS B 15 -4.77 7.52 12.23
C LYS B 15 -4.21 6.27 12.86
N LYS B 16 -5.10 5.31 13.11
CA LYS B 16 -4.72 4.04 13.72
C LYS B 16 -4.33 3.08 12.62
N LEU B 17 -4.34 3.60 11.39
CA LEU B 17 -3.94 2.85 10.22
C LEU B 17 -2.44 3.02 10.28
N ASP B 18 -1.85 2.36 11.28
CA ASP B 18 -0.41 2.39 11.55
C ASP B 18 -0.66 0.92 11.30
N GLY B 19 0.00 0.40 10.27
CA GLY B 19 -0.16 -0.95 9.81
C GLY B 19 0.55 -1.65 10.95
N LEU B 20 0.55 -2.98 10.90
CA LEU B 20 0.73 -3.78 12.10
C LEU B 20 0.07 -4.13 13.42
N TRP B 21 -1.24 -4.36 13.35
CA TRP B 21 -1.98 -4.93 14.46
C TRP B 21 -1.67 -6.38 14.81
N ALA B 22 -2.17 -6.85 15.93
CA ALA B 22 -2.10 -8.26 16.28
C ALA B 22 -3.31 -8.94 15.68
N PHE B 23 -3.14 -10.14 15.18
CA PHE B 23 -4.20 -10.81 14.45
C PHE B 23 -4.23 -12.28 14.80
N SER B 24 -5.43 -12.86 14.84
CA SER B 24 -5.57 -14.29 15.04
C SER B 24 -6.94 -14.77 14.56
N LEU B 25 -7.01 -16.05 14.25
CA LEU B 25 -8.29 -16.67 13.91
C LEU B 25 -8.88 -17.27 15.17
N ASP B 26 -10.20 -17.45 15.14
CA ASP B 26 -10.87 -18.15 16.23
C ASP B 26 -11.65 -19.33 15.66
N ARG B 27 -10.93 -20.38 15.30
CA ARG B 27 -11.52 -21.54 14.63
C ARG B 27 -12.48 -22.31 15.54
N GLU B 28 -12.44 -22.01 16.83
CA GLU B 28 -13.31 -22.67 17.80
C GLU B 28 -14.44 -21.73 18.21
N ASN B 29 -14.47 -20.56 17.59
CA ASN B 29 -15.47 -19.55 17.92
C ASN B 29 -15.69 -19.45 19.42
N CYS B 30 -14.58 -19.45 20.16
CA CYS B 30 -14.61 -19.42 21.62
C CYS B 30 -14.01 -18.13 22.16
N GLY B 31 -13.68 -17.21 21.26
CA GLY B 31 -13.08 -15.94 21.63
C GLY B 31 -14.03 -15.07 22.43
N ILE B 32 -15.28 -15.00 21.98
CA ILE B 32 -16.28 -14.19 22.65
C ILE B 32 -16.58 -14.73 24.05
N ASP B 33 -16.63 -16.06 24.16
CA ASP B 33 -16.88 -16.71 25.44
C ASP B 33 -15.68 -16.56 26.37
N GLN B 34 -14.48 -16.76 25.82
CA GLN B 34 -13.25 -16.65 26.61
C GLN B 34 -12.83 -15.19 26.79
N ARG B 35 -13.67 -14.28 26.32
CA ARG B 35 -13.40 -12.84 26.45
C ARG B 35 -12.02 -12.40 25.98
N TRP B 36 -11.67 -12.77 24.75
CA TRP B 36 -10.36 -12.47 24.18
C TRP B 36 -9.94 -10.99 24.21
N TRP B 37 -10.89 -10.09 24.38
CA TRP B 37 -10.60 -8.67 24.33
C TRP B 37 -9.98 -8.16 25.63
N GLU B 38 -9.90 -9.03 26.63
CA GLU B 38 -9.43 -8.64 27.96
C GLU B 38 -7.91 -8.69 28.16
N SER B 39 -7.25 -9.60 27.43
CA SER B 39 -5.80 -9.68 27.46
C SER B 39 -5.28 -9.67 26.03
N ALA B 40 -3.96 -9.74 25.88
CA ALA B 40 -3.36 -9.86 24.56
C ALA B 40 -3.73 -11.14 23.81
N LEU B 41 -3.99 -11.02 22.52
CA LEU B 41 -4.28 -12.17 21.68
C LEU B 41 -3.09 -13.12 21.70
N GLN B 42 -3.30 -14.35 22.18
CA GLN B 42 -2.25 -15.35 22.09
C GLN B 42 -2.25 -15.96 20.70
N GLU B 43 -1.20 -16.69 20.36
CA GLU B 43 -1.07 -17.29 19.03
C GLU B 43 -1.43 -16.31 17.93
N SER B 44 -0.92 -15.08 18.04
CA SER B 44 -1.25 -14.03 17.08
C SER B 44 -0.08 -13.77 16.13
N ARG B 45 -0.31 -12.90 15.16
CA ARG B 45 0.71 -12.55 14.19
C ARG B 45 0.39 -11.18 13.60
N ALA B 46 1.40 -10.49 13.11
CA ALA B 46 1.21 -9.13 12.60
C ALA B 46 0.38 -9.12 11.32
N ILE B 47 -0.51 -8.13 11.23
CA ILE B 47 -1.31 -7.94 10.03
C ILE B 47 -1.43 -6.45 9.71
N ALA B 48 -1.29 -6.12 8.43
CA ALA B 48 -1.38 -4.74 7.97
C ALA B 48 -2.84 -4.34 7.95
N VAL B 49 -3.14 -3.12 8.39
CA VAL B 49 -4.55 -2.74 8.40
C VAL B 49 -5.01 -1.36 7.88
N PRO B 50 -4.94 -1.21 6.57
CA PRO B 50 -6.15 -1.21 5.75
C PRO B 50 -5.92 -2.42 4.83
N GLY B 51 -6.94 -3.23 4.55
CA GLY B 51 -6.75 -4.35 3.65
C GLY B 51 -7.21 -5.71 4.14
N SER B 52 -7.67 -6.54 3.21
CA SER B 52 -8.19 -7.89 3.51
C SER B 52 -7.19 -8.71 4.30
N PHE B 53 -7.70 -9.59 5.17
CA PHE B 53 -6.81 -10.50 5.90
C PHE B 53 -6.48 -11.73 5.05
N ASN B 54 -7.32 -12.02 4.07
CA ASN B 54 -7.25 -13.25 3.29
C ASN B 54 -5.90 -13.57 2.63
N ASP B 55 -5.33 -12.56 1.98
CA ASP B 55 -4.18 -12.78 1.10
C ASP B 55 -2.83 -12.36 1.69
N GLN B 56 -2.84 -11.74 2.87
CA GLN B 56 -1.61 -11.22 3.44
C GLN B 56 -0.61 -12.31 3.80
N PHE B 57 -1.10 -13.54 3.94
CA PHE B 57 -0.28 -14.62 4.49
C PHE B 57 -0.01 -15.75 3.50
N ALA B 58 -0.45 -15.58 2.26
CA ALA B 58 -0.23 -16.59 1.24
C ALA B 58 -0.60 -17.95 1.78
N ASP B 59 -1.78 -18.04 2.37
CA ASP B 59 -2.23 -19.27 2.99
C ASP B 59 -3.67 -19.54 2.60
N ALA B 60 -3.95 -20.75 2.14
CA ALA B 60 -5.29 -21.11 1.68
C ALA B 60 -6.24 -21.24 2.85
N ASP B 61 -5.78 -21.91 3.89
CA ASP B 61 -6.58 -22.17 5.08
C ASP B 61 -7.02 -20.88 5.77
N ILE B 62 -6.32 -19.78 5.51
CA ILE B 62 -6.70 -18.48 6.02
C ILE B 62 -7.49 -17.71 4.95
N ARG B 63 -7.15 -17.95 3.68
CA ARG B 63 -7.81 -17.28 2.57
C ARG B 63 -9.28 -17.64 2.51
N ASN B 64 -9.56 -18.91 2.79
CA ASN B 64 -10.92 -19.44 2.66
C ASN B 64 -11.64 -19.55 3.99
N TYR B 65 -10.98 -19.11 5.05
CA TYR B 65 -11.55 -19.18 6.38
C TYR B 65 -12.83 -18.37 6.46
N ALA B 66 -13.84 -18.96 7.10
CA ALA B 66 -15.11 -18.29 7.36
C ALA B 66 -15.43 -18.40 8.84
N GLY B 67 -15.78 -17.29 9.47
CA GLY B 67 -16.06 -17.25 10.88
C GLY B 67 -15.59 -15.93 11.47
N ASN B 68 -15.08 -15.97 12.69
CA ASN B 68 -14.57 -14.75 13.33
C ASN B 68 -13.05 -14.70 13.37
N VAL B 69 -12.52 -13.51 13.09
CA VAL B 69 -11.11 -13.22 13.30
C VAL B 69 -11.00 -12.06 14.29
N TRP B 70 -9.82 -11.89 14.87
CA TRP B 70 -9.62 -10.86 15.88
C TRP B 70 -8.44 -9.95 15.57
N TYR B 71 -8.72 -8.65 15.52
CA TYR B 71 -7.69 -7.63 15.38
C TYR B 71 -7.47 -6.99 16.74
N GLN B 72 -6.21 -6.79 17.12
CA GLN B 72 -5.91 -6.10 18.37
C GLN B 72 -4.76 -5.13 18.18
N ARG B 73 -4.72 -4.09 19.01
CA ARG B 73 -3.78 -3.00 18.80
C ARG B 73 -3.80 -2.15 20.07
N GLU B 74 -2.71 -1.42 20.31
CA GLU B 74 -2.65 -0.53 21.46
C GLU B 74 -2.33 0.83 20.88
N VAL B 75 -2.78 1.88 21.54
CA VAL B 75 -2.56 3.23 21.05
C VAL B 75 -2.60 4.26 22.19
N PHE B 76 -1.58 5.12 22.24
CA PHE B 76 -1.55 6.21 23.20
C PHE B 76 -2.52 7.31 22.76
N ILE B 77 -3.32 7.80 23.70
CA ILE B 77 -4.25 8.88 23.42
C ILE B 77 -3.59 10.23 23.70
N PRO B 78 -3.66 11.16 22.72
CA PRO B 78 -2.99 12.47 22.78
C PRO B 78 -3.29 13.27 24.05
N LYS B 79 -2.24 13.81 24.66
CA LYS B 79 -2.37 14.65 25.84
C LYS B 79 -3.27 15.86 25.58
N GLY B 80 -3.18 16.41 24.38
CA GLY B 80 -3.92 17.61 24.00
C GLY B 80 -5.42 17.43 23.88
N TRP B 81 -5.87 16.19 23.87
CA TRP B 81 -7.31 15.89 23.78
C TRP B 81 -7.49 15.85 25.29
N ALA B 82 -7.52 17.06 25.88
CA ALA B 82 -7.78 17.30 27.30
C ALA B 82 -9.27 17.54 27.22
N GLY B 83 -10.04 16.76 27.98
CA GLY B 83 -11.48 16.93 28.07
C GLY B 83 -12.39 17.13 26.87
N GLN B 84 -12.08 16.42 25.79
CA GLN B 84 -12.77 16.61 24.51
C GLN B 84 -13.60 15.39 24.15
N ARG B 85 -14.36 15.52 23.08
CA ARG B 85 -14.97 14.34 22.46
C ARG B 85 -13.90 13.51 21.82
N ILE B 86 -13.87 12.23 22.16
CA ILE B 86 -12.98 11.29 21.50
C ILE B 86 -13.82 10.25 20.78
N VAL B 87 -13.67 10.19 19.45
CA VAL B 87 -14.49 9.32 18.63
C VAL B 87 -13.65 8.29 17.90
N LEU B 88 -13.99 7.02 18.10
CA LEU B 88 -13.33 5.92 17.41
C LEU B 88 -14.14 5.53 16.18
N ARG B 89 -13.53 5.66 15.01
CA ARG B 89 -14.22 5.42 13.76
C ARG B 89 -13.51 4.44 12.83
N PHE B 90 -14.28 3.50 12.30
CA PHE B 90 -13.79 2.59 11.27
C PHE B 90 -14.44 2.94 9.95
N ASP B 91 -13.62 3.24 8.93
CA ASP B 91 -14.15 3.55 7.61
C ASP B 91 -14.86 2.34 7.03
N ALA B 92 -14.37 1.15 7.36
CA ALA B 92 -15.04 -0.07 6.93
C ALA B 92 -14.50 -1.20 7.80
N VAL B 93 -15.32 -2.20 8.02
CA VAL B 93 -14.86 -3.46 8.60
C VAL B 93 -15.75 -4.39 7.79
N THR B 94 -15.16 -5.12 6.87
CA THR B 94 -15.96 -5.83 5.88
C THR B 94 -16.87 -6.69 6.75
N HIS B 95 -18.13 -6.67 6.34
CA HIS B 95 -19.25 -7.39 6.93
C HIS B 95 -19.28 -6.92 8.39
N TYR B 96 -19.18 -7.84 9.34
CA TYR B 96 -19.29 -7.45 10.73
C TYR B 96 -18.09 -7.21 11.63
N GLY B 97 -18.25 -6.30 12.59
CA GLY B 97 -17.21 -6.01 13.54
C GLY B 97 -17.77 -5.57 14.89
N LYS B 98 -17.16 -6.07 15.96
CA LYS B 98 -17.52 -5.68 17.31
C LYS B 98 -16.27 -5.16 17.98
N VAL B 99 -16.36 -4.00 18.62
CA VAL B 99 -15.17 -3.31 19.12
C VAL B 99 -15.13 -3.17 20.65
N TRP B 100 -13.96 -3.43 21.23
CA TRP B 100 -13.74 -3.31 22.67
C TRP B 100 -12.58 -2.35 22.98
N VAL B 101 -12.87 -1.31 23.75
CA VAL B 101 -11.81 -0.45 24.31
C VAL B 101 -11.45 -1.00 25.68
N ASN B 102 -10.27 -1.59 25.78
CA ASN B 102 -9.88 -2.36 26.95
C ASN B 102 -11.08 -3.30 27.08
N ASN B 103 -11.76 -3.27 28.23
CA ASN B 103 -12.93 -4.10 28.43
C ASN B 103 -14.34 -3.63 28.07
N GLN B 104 -14.43 -2.42 27.51
CA GLN B 104 -15.71 -1.80 27.22
C GLN B 104 -16.16 -1.99 25.77
N GLU B 105 -17.23 -2.76 25.60
CA GLU B 105 -17.86 -2.94 24.29
C GLU B 105 -18.44 -1.61 23.81
N VAL B 106 -17.79 -1.04 22.80
CA VAL B 106 -18.12 0.31 22.36
C VAL B 106 -18.83 0.38 21.00
N GLU B 108 -20.64 -2.04 17.37
CA GLU B 108 -21.16 -3.24 16.71
C GLU B 108 -21.74 -2.82 15.36
N HIS B 109 -21.40 -3.54 14.30
CA HIS B 109 -21.82 -3.14 12.97
C HIS B 109 -21.92 -4.29 11.95
N GLN B 110 -23.01 -4.29 11.19
CA GLN B 110 -23.18 -5.22 10.08
C GLN B 110 -23.29 -4.44 8.78
N GLY B 111 -22.45 -4.81 7.81
CA GLY B 111 -22.25 -4.03 6.60
C GLY B 111 -20.74 -3.87 6.59
N GLY B 112 -20.15 -3.89 5.40
CA GLY B 112 -18.71 -3.97 5.31
C GLY B 112 -18.09 -2.83 4.52
N TYR B 113 -18.94 -2.04 3.86
CA TYR B 113 -18.45 -0.95 3.03
C TYR B 113 -18.81 0.48 3.44
N THR B 114 -19.39 0.63 4.63
CA THR B 114 -19.72 1.94 5.18
C THR B 114 -19.16 2.09 6.59
N PRO B 115 -18.85 3.32 6.99
CA PRO B 115 -18.24 3.57 8.30
C PRO B 115 -19.21 3.46 9.46
N PHE B 116 -18.65 3.28 10.64
CA PHE B 116 -19.41 3.37 11.89
C PHE B 116 -18.48 3.95 12.94
N GLU B 117 -19.06 4.58 13.97
CA GLU B 117 -18.26 5.27 14.99
C GLU B 117 -19.01 5.41 16.32
N ALA B 118 -18.27 5.76 17.36
CA ALA B 118 -18.86 5.96 18.69
C ALA B 118 -17.93 6.75 19.61
N ASP B 119 -18.50 7.44 20.59
CA ASP B 119 -17.75 8.23 21.55
C ASP B 119 -17.16 7.34 22.65
N VAL B 120 -15.84 7.44 22.83
CA VAL B 120 -15.12 6.56 23.75
C VAL B 120 -14.55 7.30 24.96
N THR B 121 -14.99 8.55 25.14
CA THR B 121 -14.43 9.42 26.17
C THR B 121 -14.36 8.82 27.59
N PRO B 122 -15.44 8.18 28.06
CA PRO B 122 -15.47 7.68 29.44
C PRO B 122 -14.56 6.48 29.69
N TYR B 123 -14.10 5.83 28.64
CA TYR B 123 -13.35 4.59 28.77
C TYR B 123 -11.88 4.78 28.45
N VAL B 124 -11.56 5.98 27.99
CA VAL B 124 -10.18 6.33 27.65
C VAL B 124 -9.71 7.53 28.45
N ILE B 125 -8.40 7.56 28.73
CA ILE B 125 -7.79 8.66 29.45
C ILE B 125 -6.63 9.25 28.64
N ALA B 126 -6.77 10.50 28.22
CA ALA B 126 -5.73 11.17 27.44
C ALA B 126 -4.38 11.10 28.15
N GLY B 127 -3.33 10.79 27.40
CA GLY B 127 -1.99 10.64 27.96
C GLY B 127 -1.66 9.20 28.28
N LYS B 128 -2.68 8.34 28.29
CA LYS B 128 -2.52 6.91 28.55
C LYS B 128 -2.68 6.09 27.28
N SER B 129 -2.34 4.82 27.35
CA SER B 129 -2.56 3.89 26.24
C SER B 129 -3.85 3.11 26.46
N VAL B 130 -4.47 2.67 25.37
CA VAL B 130 -5.67 1.82 25.49
C VAL B 130 -5.62 0.69 24.47
N ARG B 131 -6.10 -0.47 24.89
CA ARG B 131 -6.11 -1.65 24.05
C ARG B 131 -7.37 -1.65 23.19
N ILE B 132 -7.21 -1.94 21.90
CA ILE B 132 -8.36 -1.96 21.00
C ILE B 132 -8.52 -3.31 20.32
N THR B 133 -9.63 -3.98 20.63
CA THR B 133 -9.90 -5.30 20.07
C THR B 133 -11.11 -5.22 19.14
N VAL B 134 -10.95 -5.81 17.96
CA VAL B 134 -12.04 -5.86 16.99
C VAL B 134 -12.31 -7.30 16.59
N CYS B 135 -13.54 -7.76 16.79
CA CYS B 135 -13.94 -9.06 16.34
C CYS B 135 -14.60 -8.92 14.98
N VAL B 136 -13.95 -9.48 13.96
CA VAL B 136 -14.44 -9.33 12.60
C VAL B 136 -15.07 -10.62 12.07
N ASN B 137 -16.29 -10.48 11.56
CA ASN B 137 -17.02 -11.61 10.98
C ASN B 137 -17.16 -11.44 9.47
N ASN B 138 -17.05 -12.54 8.75
CA ASN B 138 -17.14 -12.52 7.29
C ASN B 138 -18.31 -13.34 6.77
N GLU B 139 -19.02 -14.01 7.68
CA GLU B 139 -20.16 -14.85 7.33
C GLU B 139 -21.28 -14.06 6.66
N LEU B 140 -21.88 -14.68 5.64
CA LEU B 140 -23.02 -14.10 4.94
C LEU B 140 -24.22 -15.03 4.98
N ASN B 141 -25.38 -14.47 5.31
CA ASN B 141 -26.64 -15.23 5.26
C ASN B 141 -27.73 -14.41 4.61
N TRP B 142 -28.88 -15.04 4.36
CA TRP B 142 -29.96 -14.36 3.67
C TRP B 142 -30.38 -12.94 4.09
N GLN B 143 -30.14 -12.59 5.35
CA GLN B 143 -30.49 -11.24 5.81
C GLN B 143 -29.28 -10.32 5.83
N THR B 144 -28.35 -10.57 4.93
CA THR B 144 -27.12 -9.80 4.84
C THR B 144 -27.08 -9.06 3.49
N ILE B 145 -26.29 -8.00 3.39
CA ILE B 145 -26.28 -7.17 2.18
C ILE B 145 -25.73 -7.68 0.85
N PRO B 146 -24.73 -8.51 1.01
CA PRO B 146 -24.29 -9.46 0.04
C PRO B 146 -24.91 -10.69 0.63
N PRO B 147 -26.04 -11.16 0.13
CA PRO B 147 -26.73 -12.35 0.66
C PRO B 147 -25.87 -13.59 0.43
N GLY B 148 -26.09 -14.62 1.25
CA GLY B 148 -25.32 -15.85 1.13
C GLY B 148 -25.82 -17.01 1.98
N VAL B 150 -24.00 -19.99 4.58
CA VAL B 150 -22.87 -20.66 5.18
C VAL B 150 -23.27 -22.09 5.53
N ILE B 151 -22.44 -23.05 5.14
CA ILE B 151 -22.73 -24.45 5.42
C ILE B 151 -21.70 -25.07 6.35
N THR B 152 -22.10 -25.32 7.60
CA THR B 152 -21.27 -26.09 8.51
C THR B 152 -21.53 -27.57 8.22
N ASP B 153 -20.50 -28.27 7.74
CA ASP B 153 -20.63 -29.69 7.48
C ASP B 153 -20.64 -30.48 8.78
N GLU B 154 -20.65 -31.80 8.68
CA GLU B 154 -20.63 -32.68 9.85
C GLU B 154 -19.48 -32.30 10.80
N ASN B 155 -18.37 -31.90 10.22
CA ASN B 155 -17.23 -31.39 10.99
C ASN B 155 -17.55 -29.99 11.51
N GLY B 156 -16.83 -29.56 12.53
CA GLY B 156 -17.10 -28.27 13.16
C GLY B 156 -16.73 -27.04 12.35
N LYS B 157 -16.31 -27.24 11.10
CA LYS B 157 -15.89 -26.13 10.25
C LYS B 157 -16.94 -25.55 9.30
N LYS B 158 -16.93 -24.23 9.15
CA LYS B 158 -17.86 -23.54 8.26
C LYS B 158 -17.27 -23.39 6.86
N LYS B 159 -18.14 -23.34 5.86
CA LYS B 159 -17.73 -23.04 4.48
C LYS B 159 -18.76 -22.14 3.81
N GLN B 160 -18.32 -20.95 3.41
CA GLN B 160 -19.23 -19.93 2.90
C GLN B 160 -19.61 -20.14 1.44
N SER B 161 -20.91 -20.04 1.15
CA SER B 161 -21.39 -19.99 -0.22
C SER B 161 -22.05 -18.65 -0.49
N TYR B 162 -21.84 -18.11 -1.69
CA TYR B 162 -22.48 -16.84 -2.07
C TYR B 162 -22.85 -16.82 -3.56
N PHE B 163 -23.45 -15.73 -4.01
CA PHE B 163 -24.05 -15.72 -5.34
C PHE B 163 -23.49 -14.68 -6.30
N HIS B 164 -22.54 -13.87 -5.83
CA HIS B 164 -21.90 -12.89 -6.68
C HIS B 164 -20.56 -13.43 -7.19
N ASP B 165 -20.00 -12.76 -8.20
CA ASP B 165 -18.79 -13.26 -8.83
C ASP B 165 -17.49 -13.03 -8.05
N PHE B 166 -17.29 -11.79 -7.62
CA PHE B 166 -16.05 -11.40 -6.95
C PHE B 166 -15.85 -12.18 -5.65
N PHE B 167 -14.59 -12.38 -5.29
CA PHE B 167 -14.23 -13.17 -4.11
C PHE B 167 -14.62 -12.46 -2.82
N ASN B 168 -14.90 -13.24 -1.79
CA ASN B 168 -15.46 -12.75 -0.53
C ASN B 168 -14.38 -12.31 0.44
N TYR B 169 -13.63 -11.29 0.04
CA TYR B 169 -12.58 -10.74 0.89
C TYR B 169 -13.20 -10.10 2.12
N ALA B 170 -12.46 -10.14 3.22
CA ALA B 170 -12.94 -9.59 4.48
C ALA B 170 -11.77 -9.01 5.27
N GLY B 171 -12.05 -8.46 6.45
CA GLY B 171 -11.04 -7.81 7.26
C GLY B 171 -11.27 -6.32 7.32
N ILE B 172 -10.36 -5.60 7.96
CA ILE B 172 -10.48 -4.15 8.06
C ILE B 172 -9.94 -3.49 6.80
N HIS B 173 -10.82 -3.17 5.87
CA HIS B 173 -10.40 -2.77 4.53
C HIS B 173 -9.96 -1.33 4.38
N ARG B 174 -10.47 -0.46 5.24
CA ARG B 174 -10.21 0.96 5.10
C ARG B 174 -9.72 1.57 6.40
N SER B 175 -9.38 2.85 6.34
CA SER B 175 -8.83 3.57 7.49
C SER B 175 -9.65 3.41 8.76
N VAL B 176 -8.95 3.12 9.86
CA VAL B 176 -9.55 3.22 11.18
C VAL B 176 -8.81 4.31 11.95
N LEU B 178 -8.92 7.32 15.59
CA LEU B 178 -9.46 8.11 16.69
C LEU B 178 -9.55 9.53 16.15
N TYR B 179 -10.70 10.18 16.30
CA TYR B 179 -10.76 11.60 15.97
C TYR B 179 -11.50 12.43 17.00
N THR B 180 -10.98 13.64 17.24
CA THR B 180 -11.42 14.45 18.36
C THR B 180 -12.44 15.50 17.97
N THR B 181 -13.20 15.98 18.94
CA THR B 181 -14.21 17.00 18.70
C THR B 181 -14.52 17.77 19.98
N PRO B 182 -14.82 19.06 19.84
CA PRO B 182 -15.33 19.78 21.01
C PRO B 182 -16.62 19.13 21.50
N ASN B 183 -17.15 19.58 22.62
CA ASN B 183 -18.42 19.03 23.10
C ASN B 183 -19.60 19.70 22.42
N THR B 184 -19.32 20.83 21.77
CA THR B 184 -20.24 21.44 20.82
C THR B 184 -19.76 21.05 19.42
N TRP B 185 -20.52 20.19 18.75
CA TRP B 185 -20.04 19.59 17.51
C TRP B 185 -21.08 19.46 16.42
N VAL B 186 -20.72 19.91 15.22
CA VAL B 186 -21.52 19.60 14.04
C VAL B 186 -21.40 18.09 13.85
N ASP B 187 -22.54 17.41 13.74
CA ASP B 187 -22.50 15.96 13.56
C ASP B 187 -23.25 15.53 12.31
N ASP B 188 -23.79 16.50 11.58
CA ASP B 188 -24.55 16.19 10.37
C ASP B 188 -24.67 17.43 9.48
N ILE B 189 -24.68 17.20 8.17
CA ILE B 189 -24.83 18.27 7.18
C ILE B 189 -25.48 17.70 5.93
N THR B 190 -26.36 18.49 5.32
CA THR B 190 -27.01 18.09 4.07
C THR B 190 -27.08 19.27 3.13
N VAL B 191 -26.66 19.07 1.88
CA VAL B 191 -26.60 20.16 0.92
C VAL B 191 -27.20 19.74 -0.42
N VAL B 192 -28.06 20.59 -0.96
CA VAL B 192 -28.64 20.38 -2.29
C VAL B 192 -28.34 21.59 -3.15
N THR B 193 -27.84 21.34 -4.36
CA THR B 193 -27.40 22.43 -5.24
C THR B 193 -28.25 22.54 -6.50
N HIS B 194 -29.16 23.52 -6.51
CA HIS B 194 -30.03 23.74 -7.65
C HIS B 194 -29.40 24.68 -8.66
N VAL B 195 -29.39 24.27 -9.92
CA VAL B 195 -28.98 25.16 -11.02
C VAL B 195 -30.07 25.15 -12.09
N ALA B 196 -30.13 26.21 -12.90
CA ALA B 196 -31.13 26.29 -13.96
C ALA B 196 -30.68 27.13 -15.15
N GLN B 197 -30.40 26.45 -16.25
CA GLN B 197 -30.01 27.08 -17.51
C GLN B 197 -28.67 27.82 -17.42
N ASP B 198 -27.87 27.46 -16.43
CA ASP B 198 -26.45 27.80 -16.37
C ASP B 198 -25.98 29.25 -16.22
N CYS B 199 -26.83 30.11 -15.66
CA CYS B 199 -26.43 31.48 -15.40
C CYS B 199 -26.20 31.74 -13.92
N ASN B 200 -27.04 31.12 -13.09
CA ASN B 200 -27.08 31.41 -11.66
C ASN B 200 -28.03 30.46 -10.94
N HIS B 201 -27.61 30.04 -9.73
CA HIS B 201 -28.52 29.61 -8.66
C HIS B 201 -28.04 29.01 -7.34
N ALA B 202 -28.99 28.87 -6.42
CA ALA B 202 -28.67 28.62 -5.02
C ALA B 202 -28.59 27.22 -4.43
N SER B 203 -28.10 27.15 -3.20
CA SER B 203 -27.94 25.88 -2.49
C SER B 203 -28.63 25.85 -1.15
N VAL B 204 -29.47 24.84 -0.92
CA VAL B 204 -30.07 24.68 0.39
C VAL B 204 -29.05 24.02 1.32
N ASP B 205 -28.83 24.64 2.47
CA ASP B 205 -28.02 24.01 3.51
C ASP B 205 -28.92 23.66 4.69
N TRP B 206 -28.71 22.47 5.25
CA TRP B 206 -29.54 22.00 6.35
C TRP B 206 -28.71 21.05 7.19
N GLN B 207 -28.59 21.33 8.48
CA GLN B 207 -27.68 20.56 9.31
C GLN B 207 -28.09 20.41 10.77
N VAL B 208 -27.53 19.40 11.43
CA VAL B 208 -27.83 19.07 12.82
C VAL B 208 -26.63 19.38 13.70
N VAL B 209 -26.88 19.96 14.87
CA VAL B 209 -25.79 20.41 15.74
C VAL B 209 -26.03 19.99 17.19
N ALA B 210 -24.95 19.85 17.95
CA ALA B 210 -25.04 19.58 19.38
C ALA B 210 -25.08 20.93 20.10
N ASN B 211 -26.25 21.55 20.10
CA ASN B 211 -26.44 22.88 20.68
C ASN B 211 -25.86 24.23 20.25
N GLY B 212 -25.33 24.27 19.04
CA GLY B 212 -24.70 25.47 18.51
C GLY B 212 -25.28 26.24 17.35
N ASP B 213 -25.23 27.56 17.46
CA ASP B 213 -25.68 28.45 16.40
C ASP B 213 -24.72 28.33 15.21
N VAL B 214 -25.27 28.16 14.01
CA VAL B 214 -24.41 27.94 12.86
C VAL B 214 -24.22 29.15 11.94
N SER B 215 -22.96 29.51 11.73
CA SER B 215 -22.58 30.49 10.72
C SER B 215 -22.11 29.74 9.48
N VAL B 216 -22.99 29.69 8.48
CA VAL B 216 -22.70 28.99 7.24
C VAL B 216 -22.15 29.97 6.21
N GLU B 217 -20.90 29.77 5.81
CA GLU B 217 -20.29 30.63 4.78
C GLU B 217 -19.70 29.85 3.61
N LEU B 218 -20.16 30.20 2.42
CA LEU B 218 -19.73 29.56 1.18
C LEU B 218 -18.51 30.29 0.61
N ARG B 219 -17.54 29.54 0.10
CA ARG B 219 -16.29 30.15 -0.36
C ARG B 219 -15.85 29.75 -1.76
N ASP B 220 -15.10 30.65 -2.38
CA ASP B 220 -14.42 30.38 -3.61
C ASP B 220 -13.36 29.30 -3.36
N ALA B 221 -12.73 28.84 -4.43
CA ALA B 221 -11.51 28.12 -4.30
C ALA B 221 -10.45 29.02 -3.68
N ASP B 222 -10.64 30.33 -3.88
CA ASP B 222 -9.72 31.34 -3.42
C ASP B 222 -10.04 31.79 -2.00
N GLN B 223 -10.94 31.07 -1.33
CA GLN B 223 -11.25 31.31 0.08
C GLN B 223 -11.95 32.64 0.32
N GLN B 224 -12.61 33.18 -0.70
CA GLN B 224 -13.38 34.41 -0.53
C GLN B 224 -14.86 34.14 -0.32
N VAL B 225 -15.45 34.86 0.62
CA VAL B 225 -16.82 34.63 1.05
C VAL B 225 -17.75 35.15 -0.04
N VAL B 226 -18.26 34.23 -0.86
CA VAL B 226 -19.11 34.60 -2.00
C VAL B 226 -20.57 34.56 -1.58
N ALA B 227 -20.84 34.15 -0.35
CA ALA B 227 -22.21 34.12 0.18
C ALA B 227 -22.13 33.72 1.65
N THR B 228 -23.18 34.05 2.41
CA THR B 228 -23.24 33.72 3.82
C THR B 228 -24.67 33.33 4.15
N GLY B 229 -24.80 32.35 5.04
CA GLY B 229 -26.10 31.91 5.51
C GLY B 229 -26.24 32.22 6.99
N GLN B 230 -27.36 31.81 7.57
CA GLN B 230 -27.60 32.08 8.99
C GLN B 230 -28.65 31.13 9.52
N GLY B 231 -28.45 30.65 10.75
CA GLY B 231 -29.43 29.79 11.40
C GLY B 231 -29.08 28.32 11.29
N THR B 232 -29.23 27.62 12.42
CA THR B 232 -28.91 26.20 12.50
C THR B 232 -29.82 25.36 11.59
N SER B 233 -30.85 25.99 11.02
CA SER B 233 -31.83 25.28 10.21
C SER B 233 -31.32 25.93 8.91
N GLY B 234 -31.87 25.49 7.79
CA GLY B 234 -31.42 25.96 6.49
C GLY B 234 -31.45 27.30 5.77
N THR B 235 -30.87 27.35 4.57
CA THR B 235 -30.83 28.60 3.81
C THR B 235 -30.97 28.40 2.30
N LEU B 236 -30.73 29.47 1.56
CA LEU B 236 -30.80 29.48 0.10
C LEU B 236 -29.82 30.62 -0.13
N GLN B 237 -28.69 30.34 -0.79
CA GLN B 237 -27.70 31.38 -1.08
C GLN B 237 -27.80 31.44 -2.60
N VAL B 238 -28.45 32.49 -3.10
CA VAL B 238 -28.69 32.63 -4.53
C VAL B 238 -27.66 33.57 -5.17
N VAL B 239 -26.58 32.99 -5.69
CA VAL B 239 -25.52 33.78 -6.35
C VAL B 239 -25.16 33.16 -7.69
N ASN B 240 -24.56 33.95 -8.57
CA ASN B 240 -24.13 33.43 -9.87
C ASN B 240 -22.77 32.72 -9.74
N PRO B 241 -22.69 31.48 -10.24
CA PRO B 241 -21.66 30.50 -9.84
C PRO B 241 -20.59 30.15 -10.88
N HIS B 242 -19.80 29.13 -10.51
CA HIS B 242 -18.87 28.45 -11.41
C HIS B 242 -19.20 26.97 -11.32
N LEU B 243 -19.80 26.44 -12.39
CA LEU B 243 -20.41 25.12 -12.34
C LEU B 243 -19.44 23.96 -12.12
N TRP B 244 -19.85 23.01 -11.29
CA TRP B 244 -19.15 21.74 -11.17
C TRP B 244 -19.41 20.95 -12.44
N GLN B 245 -18.43 20.93 -13.34
CA GLN B 245 -18.59 20.24 -14.61
C GLN B 245 -17.73 18.98 -14.68
N PRO B 246 -18.18 17.98 -15.45
CA PRO B 246 -17.45 16.71 -15.58
C PRO B 246 -16.03 16.93 -16.11
N GLY B 247 -15.84 17.96 -16.93
CA GLY B 247 -14.55 18.26 -17.50
C GLY B 247 -13.48 18.55 -16.45
N GLU B 248 -13.70 19.60 -15.67
CA GLU B 248 -12.77 19.98 -14.61
C GLU B 248 -13.22 19.99 -13.14
N GLY B 249 -14.53 20.03 -12.92
CA GLY B 249 -15.09 20.01 -11.57
C GLY B 249 -14.79 21.04 -10.50
N TYR B 250 -15.10 22.31 -10.77
CA TYR B 250 -14.93 23.37 -9.79
C TYR B 250 -15.53 23.01 -8.43
N LEU B 251 -14.94 23.50 -7.36
CA LEU B 251 -15.44 23.19 -6.01
C LEU B 251 -15.47 24.38 -5.06
N TYR B 252 -16.65 24.62 -4.51
CA TYR B 252 -16.83 25.60 -3.45
C TYR B 252 -16.58 24.93 -2.11
N GLU B 253 -16.27 25.74 -1.10
CA GLU B 253 -16.08 25.22 0.25
C GLU B 253 -17.05 25.89 1.22
N LEU B 254 -18.10 25.16 1.57
CA LEU B 254 -19.09 25.66 2.50
C LEU B 254 -18.65 25.35 3.93
N CYS B 255 -18.14 26.38 4.61
CA CYS B 255 -17.70 26.21 5.99
C CYS B 255 -18.89 26.27 6.95
N VAL B 256 -19.01 25.25 7.80
CA VAL B 256 -20.11 25.18 8.76
C VAL B 256 -19.59 25.40 10.18
N THR B 257 -20.18 26.37 10.88
CA THR B 257 -19.69 26.80 12.19
C THR B 257 -20.74 26.64 13.28
N ALA B 258 -20.46 25.80 14.27
CA ALA B 258 -21.37 25.62 15.40
C ALA B 258 -20.79 26.28 16.65
N LYS B 259 -21.65 26.93 17.44
CA LYS B 259 -21.18 27.73 18.55
C LYS B 259 -21.89 27.47 19.89
N SER B 260 -21.09 27.33 20.94
CA SER B 260 -21.57 27.43 22.30
C SER B 260 -20.97 28.70 22.88
N GLN B 261 -21.36 29.05 24.10
CA GLN B 261 -20.72 30.16 24.80
C GLN B 261 -19.28 29.86 25.20
N THR B 262 -18.94 28.57 25.17
CA THR B 262 -17.63 28.08 25.56
C THR B 262 -16.73 27.51 24.46
N GLU B 263 -17.35 26.81 23.51
CA GLU B 263 -16.62 26.12 22.45
C GLU B 263 -17.16 26.43 21.06
N CYS B 264 -16.25 26.46 20.08
CA CYS B 264 -16.60 26.75 18.69
C CYS B 264 -16.10 25.63 17.78
N ASP B 265 -16.97 25.17 16.88
CA ASP B 265 -16.65 24.06 16.00
C ASP B 265 -16.73 24.47 14.52
N ILE B 266 -15.62 24.30 13.82
CA ILE B 266 -15.54 24.63 12.40
C ILE B 266 -15.51 23.35 11.59
N TYR B 267 -16.23 23.33 10.46
CA TYR B 267 -16.22 22.19 9.56
C TYR B 267 -16.40 22.62 8.10
N PRO B 268 -15.37 22.37 7.27
CA PRO B 268 -15.42 22.64 5.82
C PRO B 268 -16.05 21.48 5.05
N LEU B 269 -17.04 21.77 4.21
CA LEU B 269 -17.63 20.74 3.37
C LEU B 269 -17.44 21.05 1.88
N ARG B 270 -16.87 20.10 1.16
CA ARG B 270 -16.71 20.21 -0.28
C ARG B 270 -18.10 20.25 -0.92
N VAL B 271 -18.36 21.28 -1.71
CA VAL B 271 -19.66 21.44 -2.34
C VAL B 271 -19.53 21.72 -3.83
N GLY B 272 -20.05 20.81 -4.64
CA GLY B 272 -20.00 20.93 -6.08
C GLY B 272 -21.32 21.40 -6.64
N ILE B 273 -21.34 22.62 -7.16
CA ILE B 273 -22.54 23.21 -7.72
C ILE B 273 -22.95 22.53 -9.03
N ARG B 274 -23.92 21.62 -8.94
CA ARG B 274 -24.42 20.94 -10.14
C ARG B 274 -25.83 20.38 -9.94
N SER B 275 -26.52 20.15 -11.06
CA SER B 275 -27.84 19.54 -11.03
C SER B 275 -27.82 18.25 -11.82
N VAL B 276 -28.65 17.30 -11.42
CA VAL B 276 -28.75 16.02 -12.09
C VAL B 276 -30.23 15.63 -12.21
N ALA B 277 -30.62 15.13 -13.38
CA ALA B 277 -32.01 14.74 -13.61
C ALA B 277 -32.15 13.89 -14.88
N VAL B 278 -33.32 13.28 -15.02
CA VAL B 278 -33.65 12.54 -16.24
C VAL B 278 -34.68 13.33 -17.03
N LYS B 279 -34.44 13.52 -18.32
CA LYS B 279 -35.36 14.27 -19.17
C LYS B 279 -35.62 13.54 -20.48
N GLY B 280 -36.67 12.73 -20.51
CA GLY B 280 -36.97 11.90 -21.65
C GLY B 280 -36.01 10.72 -21.70
N GLU B 281 -35.12 10.71 -22.69
CA GLU B 281 -34.13 9.66 -22.85
C GLU B 281 -32.72 10.19 -22.68
N GLN B 282 -32.57 11.20 -21.83
CA GLN B 282 -31.28 11.85 -21.65
C GLN B 282 -30.92 11.99 -20.17
N PHE B 283 -29.62 11.89 -19.89
CA PHE B 283 -29.11 12.19 -18.57
C PHE B 283 -28.53 13.59 -18.60
N LEU B 284 -29.09 14.48 -17.79
CA LEU B 284 -28.70 15.89 -17.82
C LEU B 284 -27.96 16.32 -16.58
N ILE B 285 -26.63 16.41 -16.70
CA ILE B 285 -25.80 17.01 -15.66
C ILE B 285 -25.65 18.48 -15.99
N ASN B 286 -26.21 19.34 -15.16
CA ASN B 286 -26.26 20.76 -15.45
C ASN B 286 -27.02 21.00 -16.75
N HIS B 287 -28.10 20.26 -16.93
CA HIS B 287 -28.96 20.41 -18.09
C HIS B 287 -28.18 20.20 -19.39
N LYS B 288 -27.38 19.15 -19.43
CA LYS B 288 -26.61 18.82 -20.64
C LYS B 288 -26.70 17.34 -20.98
N PRO B 289 -27.04 17.05 -22.25
CA PRO B 289 -27.08 15.67 -22.77
C PRO B 289 -25.67 15.12 -22.56
N PHE B 290 -25.55 14.15 -21.67
CA PHE B 290 -24.25 13.60 -21.29
C PHE B 290 -24.06 12.31 -22.06
N TYR B 291 -22.84 11.75 -21.96
CA TYR B 291 -22.59 10.39 -22.39
C TYR B 291 -21.54 9.73 -21.52
N PHE B 292 -21.96 8.72 -20.76
CA PHE B 292 -21.07 8.00 -19.86
C PHE B 292 -20.05 7.17 -20.62
N THR B 293 -18.80 7.24 -20.16
CA THR B 293 -17.77 6.33 -20.62
C THR B 293 -17.02 5.88 -19.39
N GLY B 294 -16.40 4.72 -19.46
CA GLY B 294 -15.66 4.22 -18.33
C GLY B 294 -15.88 2.76 -18.04
N PHE B 295 -15.83 2.42 -16.77
CA PHE B 295 -15.76 1.02 -16.36
C PHE B 295 -16.72 0.71 -15.23
N GLY B 296 -16.98 -0.59 -15.06
CA GLY B 296 -17.43 -1.10 -13.78
C GLY B 296 -16.15 -1.50 -13.08
N ARG B 297 -16.00 -1.12 -11.82
CA ARG B 297 -14.74 -1.36 -11.14
C ARG B 297 -14.92 -2.25 -9.93
N HIS B 298 -13.79 -2.64 -9.36
CA HIS B 298 -13.78 -3.37 -8.10
C HIS B 298 -12.64 -2.93 -7.21
N GLU B 299 -12.90 -2.89 -5.90
CA GLU B 299 -11.82 -2.73 -4.94
C GLU B 299 -11.12 -4.06 -4.81
N ASP B 300 -10.03 -4.22 -5.57
CA ASP B 300 -9.31 -5.47 -5.65
C ASP B 300 -7.92 -5.20 -6.20
N ALA B 301 -6.92 -5.84 -5.59
CA ALA B 301 -5.54 -5.75 -6.05
C ALA B 301 -4.73 -6.88 -5.42
N ASP B 302 -3.54 -7.13 -5.95
CA ASP B 302 -2.67 -8.17 -5.38
C ASP B 302 -2.40 -7.93 -3.89
N LEU B 303 -2.38 -9.02 -3.13
CA LEU B 303 -1.90 -9.04 -1.75
C LEU B 303 -2.91 -8.43 -0.79
N ARG B 304 -3.32 -7.19 -1.05
CA ARG B 304 -4.18 -6.46 -0.12
C ARG B 304 -5.69 -6.69 -0.23
N GLY B 305 -6.11 -7.33 -1.31
CA GLY B 305 -7.52 -7.62 -1.51
C GLY B 305 -8.32 -6.38 -1.80
N LYS B 306 -9.32 -6.11 -0.96
CA LYS B 306 -10.18 -4.95 -1.17
C LYS B 306 -9.72 -3.78 -0.31
N GLY B 307 -8.56 -3.93 0.31
CA GLY B 307 -8.00 -2.88 1.14
C GLY B 307 -7.64 -1.65 0.32
N PHE B 308 -7.91 -0.48 0.87
CA PHE B 308 -7.62 0.76 0.18
C PHE B 308 -6.11 1.02 0.08
N ASP B 309 -5.71 1.72 -0.97
CA ASP B 309 -4.31 2.08 -1.18
C ASP B 309 -4.21 3.35 -2.01
N ASN B 310 -3.51 4.36 -1.48
CA ASN B 310 -3.32 5.62 -2.20
C ASN B 310 -2.60 5.45 -3.54
N VAL B 311 -1.54 4.65 -3.55
CA VAL B 311 -0.78 4.42 -4.77
C VAL B 311 -1.69 3.80 -5.83
N LEU B 312 -2.38 2.72 -5.44
CA LEU B 312 -3.29 2.07 -6.35
C LEU B 312 -4.30 3.07 -6.88
N VAL B 314 -4.01 6.42 -7.01
CA VAL B 314 -3.31 7.40 -7.83
C VAL B 314 -3.06 6.84 -9.23
N HIS B 315 -2.68 5.57 -9.30
CA HIS B 315 -2.36 4.93 -10.56
C HIS B 315 -3.59 4.63 -11.42
N ASP B 316 -4.57 3.93 -10.85
CA ASP B 316 -5.78 3.60 -11.59
C ASP B 316 -6.39 4.85 -12.22
N HIS B 317 -6.47 5.93 -11.45
CA HIS B 317 -7.04 7.16 -11.97
C HIS B 317 -6.18 7.75 -13.08
N ALA B 318 -4.87 7.59 -12.97
CA ALA B 318 -3.99 8.00 -14.04
C ALA B 318 -4.36 7.23 -15.30
N LEU B 319 -4.72 5.96 -15.13
CA LEU B 319 -5.13 5.13 -16.26
C LEU B 319 -6.47 5.57 -16.83
N ASP B 321 -8.08 8.27 -16.53
CA ASP B 321 -7.84 9.57 -17.13
C ASP B 321 -7.27 9.39 -18.54
N TRP B 322 -6.17 8.66 -18.63
CA TRP B 322 -5.47 8.45 -19.89
C TRP B 322 -6.35 7.81 -20.95
N ILE B 323 -7.10 6.78 -20.56
CA ILE B 323 -7.85 5.96 -21.50
C ILE B 323 -9.11 6.64 -22.02
N GLY B 324 -9.58 7.65 -21.27
CA GLY B 324 -10.71 8.45 -21.70
C GLY B 324 -11.98 8.24 -20.90
N ALA B 325 -11.89 7.49 -19.80
CA ALA B 325 -13.04 7.24 -18.95
C ALA B 325 -13.44 8.52 -18.22
N ASN B 326 -14.70 8.91 -18.36
CA ASN B 326 -15.22 10.09 -17.68
C ASN B 326 -16.10 9.73 -16.49
N SER B 327 -16.29 8.43 -16.27
CA SER B 327 -17.20 7.97 -15.24
C SER B 327 -16.94 6.52 -14.87
N TYR B 328 -17.55 6.09 -13.77
CA TYR B 328 -17.55 4.68 -13.39
C TYR B 328 -18.56 4.40 -12.28
N ARG B 329 -18.68 3.11 -11.94
CA ARG B 329 -19.65 2.66 -10.96
C ARG B 329 -18.98 1.97 -9.79
N THR B 330 -19.44 2.25 -8.57
CA THR B 330 -18.88 1.57 -7.41
C THR B 330 -19.64 0.25 -7.61
N SER B 331 -18.94 -0.71 -8.19
CA SER B 331 -19.52 -1.98 -8.61
C SER B 331 -19.72 -2.73 -7.30
N HIS B 332 -20.99 -3.04 -7.04
CA HIS B 332 -21.41 -3.99 -6.06
C HIS B 332 -21.06 -3.79 -4.59
N TYR B 333 -20.59 -2.58 -4.28
CA TYR B 333 -20.42 -2.12 -2.91
C TYR B 333 -19.94 -0.71 -2.83
N PRO B 334 -20.30 -0.02 -1.74
CA PRO B 334 -19.75 1.32 -1.50
C PRO B 334 -18.23 1.27 -1.45
N TYR B 335 -17.59 2.08 -2.28
CA TYR B 335 -16.14 2.19 -2.28
C TYR B 335 -15.69 3.08 -1.14
N ALA B 336 -14.40 3.09 -0.87
CA ALA B 336 -13.82 4.02 0.09
C ALA B 336 -14.12 5.46 -0.33
N GLU B 337 -14.34 6.32 0.66
CA GLU B 337 -14.73 7.71 0.40
C GLU B 337 -13.68 8.50 -0.39
N GLU B 338 -12.42 8.09 -0.26
CA GLU B 338 -11.32 8.75 -0.96
C GLU B 338 -11.59 8.81 -2.46
N LEU B 340 -14.45 8.99 -3.99
CA LEU B 340 -15.42 10.04 -4.27
C LEU B 340 -14.83 11.43 -4.01
N ASP B 341 -14.01 11.55 -2.97
CA ASP B 341 -13.31 12.81 -2.74
C ASP B 341 -12.44 13.14 -3.94
N TRP B 342 -11.89 12.10 -4.56
CA TRP B 342 -11.04 12.27 -5.74
C TRP B 342 -11.89 12.58 -6.96
N ALA B 343 -13.05 11.95 -7.04
CA ALA B 343 -13.96 12.15 -8.16
C ALA B 343 -14.52 13.57 -8.13
N ASP B 344 -14.90 14.03 -6.94
CA ASP B 344 -15.38 15.40 -6.77
C ASP B 344 -14.33 16.37 -7.30
N GLU B 345 -13.10 16.18 -6.83
CA GLU B 345 -12.00 17.09 -7.14
C GLU B 345 -11.62 17.09 -8.61
N HIS B 346 -11.81 15.95 -9.27
CA HIS B 346 -11.38 15.80 -10.66
C HIS B 346 -12.53 15.79 -11.66
N GLY B 347 -13.75 16.00 -11.17
CA GLY B 347 -14.92 16.03 -12.03
C GLY B 347 -15.28 14.67 -12.59
N ILE B 348 -14.87 13.62 -11.88
CA ILE B 348 -15.20 12.26 -12.28
C ILE B 348 -16.65 11.95 -11.91
N VAL B 349 -17.45 11.56 -12.90
CA VAL B 349 -18.84 11.20 -12.67
C VAL B 349 -18.93 9.78 -12.11
N VAL B 350 -19.78 9.60 -11.10
CA VAL B 350 -19.82 8.33 -10.37
C VAL B 350 -21.23 7.81 -10.09
N ILE B 351 -21.56 6.67 -10.68
CA ILE B 351 -22.77 5.93 -10.31
C ILE B 351 -22.48 5.15 -9.03
N ASP B 352 -23.02 5.61 -7.91
CA ASP B 352 -22.80 4.97 -6.61
C ASP B 352 -23.74 3.77 -6.45
N GLU B 353 -23.18 2.65 -5.97
CA GLU B 353 -23.95 1.40 -5.87
C GLU B 353 -23.83 0.74 -4.50
N THR B 354 -24.95 0.18 -4.03
CA THR B 354 -25.01 -0.56 -2.78
C THR B 354 -24.39 -1.93 -2.96
N ALA B 355 -24.21 -2.65 -1.86
CA ALA B 355 -23.63 -3.99 -1.92
C ALA B 355 -24.73 -5.01 -2.22
N ALA B 356 -25.88 -4.53 -2.67
CA ALA B 356 -27.05 -5.39 -2.93
C ALA B 356 -26.59 -6.06 -4.22
N VAL B 357 -26.11 -7.28 -4.10
CA VAL B 357 -25.73 -8.07 -5.27
C VAL B 357 -25.94 -9.48 -4.75
N GLY B 358 -26.35 -10.39 -5.62
CA GLY B 358 -26.59 -11.76 -5.22
C GLY B 358 -28.05 -12.10 -5.04
N PHE B 359 -28.91 -11.10 -5.16
CA PHE B 359 -30.36 -11.31 -5.09
C PHE B 359 -30.94 -12.36 -6.01
N ASN B 360 -30.10 -12.85 -6.91
CA ASN B 360 -30.46 -13.84 -7.91
C ASN B 360 -29.98 -15.25 -7.63
N LEU B 361 -30.69 -16.24 -8.15
CA LEU B 361 -30.41 -17.62 -7.77
C LEU B 361 -30.24 -18.55 -8.97
N SER B 362 -30.28 -17.98 -10.17
CA SER B 362 -30.11 -18.75 -11.40
C SER B 362 -28.81 -18.35 -12.07
N LEU B 363 -27.94 -17.71 -11.30
CA LEU B 363 -26.75 -17.10 -11.87
C LEU B 363 -25.52 -17.82 -12.41
N GLY B 364 -25.50 -19.15 -12.31
CA GLY B 364 -24.58 -19.92 -13.16
C GLY B 364 -25.06 -21.21 -13.77
N ILE B 365 -24.15 -21.85 -14.49
CA ILE B 365 -24.13 -23.33 -14.71
C ILE B 365 -23.67 -24.08 -13.45
N GLY B 366 -24.62 -24.56 -12.66
CA GLY B 366 -24.29 -25.29 -11.46
C GLY B 366 -24.38 -26.69 -12.05
N PHE B 367 -23.38 -27.52 -11.77
CA PHE B 367 -23.49 -28.95 -12.05
C PHE B 367 -23.74 -29.41 -10.62
N GLU B 368 -23.35 -28.54 -9.69
CA GLU B 368 -23.24 -28.87 -8.27
C GLU B 368 -24.17 -28.92 -7.05
N ALA B 369 -24.63 -30.13 -6.73
CA ALA B 369 -25.57 -30.36 -5.64
C ALA B 369 -26.87 -29.96 -4.95
N GLY B 370 -27.89 -29.69 -5.77
CA GLY B 370 -29.16 -29.18 -5.29
C GLY B 370 -29.22 -27.96 -4.40
N ASN B 371 -29.78 -28.13 -3.20
CA ASN B 371 -30.32 -27.00 -2.43
C ASN B 371 -30.16 -25.64 -1.75
N LYS B 372 -30.85 -24.68 -2.36
CA LYS B 372 -30.37 -23.34 -2.58
C LYS B 372 -31.87 -23.13 -2.61
N PRO B 373 -32.37 -22.10 -1.91
CA PRO B 373 -33.83 -21.97 -1.75
C PRO B 373 -34.60 -22.13 -3.06
N LYS B 374 -35.88 -22.44 -2.95
CA LYS B 374 -36.72 -22.64 -4.11
C LYS B 374 -37.40 -21.33 -4.55
N GLU B 375 -37.76 -20.51 -3.57
CA GLU B 375 -38.39 -19.21 -3.83
C GLU B 375 -37.51 -18.07 -3.34
N LEU B 376 -36.84 -17.40 -4.27
CA LEU B 376 -35.96 -16.28 -3.96
C LEU B 376 -36.57 -15.33 -2.93
N TYR B 377 -37.82 -14.92 -3.18
CA TYR B 377 -38.54 -14.06 -2.26
C TYR B 377 -39.48 -14.92 -1.43
N SER B 378 -39.02 -15.22 -0.21
CA SER B 378 -39.68 -16.17 0.68
C SER B 378 -38.97 -16.13 2.02
N GLU B 379 -39.67 -16.56 3.07
CA GLU B 379 -39.09 -16.50 4.40
C GLU B 379 -37.82 -17.35 4.50
N GLU B 380 -37.69 -18.33 3.61
CA GLU B 380 -36.53 -19.20 3.56
C GLU B 380 -35.44 -18.18 3.24
N ALA B 381 -35.52 -17.60 2.04
CA ALA B 381 -34.56 -16.61 1.59
C ALA B 381 -34.29 -15.11 1.49
N VAL B 382 -35.24 -14.38 0.91
CA VAL B 382 -35.12 -12.93 0.77
C VAL B 382 -36.48 -12.72 1.40
N ASN B 383 -36.50 -11.98 2.52
CA ASN B 383 -37.72 -11.81 3.29
C ASN B 383 -37.73 -10.47 4.02
N GLY B 384 -38.71 -10.31 4.91
CA GLY B 384 -38.86 -9.11 5.70
C GLY B 384 -37.58 -8.53 6.26
N GLU B 385 -36.84 -9.35 7.01
CA GLU B 385 -35.55 -8.93 7.56
C GLU B 385 -34.63 -8.46 6.45
N THR B 386 -34.69 -9.18 5.33
CA THR B 386 -33.79 -8.95 4.21
C THR B 386 -34.16 -7.71 3.40
N GLN B 387 -35.43 -7.34 3.44
CA GLN B 387 -35.82 -6.07 2.85
C GLN B 387 -35.43 -4.94 3.80
N GLN B 388 -35.47 -5.26 5.10
CA GLN B 388 -35.05 -4.31 6.14
C GLN B 388 -33.56 -4.03 6.01
N ALA B 389 -32.77 -5.10 6.13
CA ALA B 389 -31.32 -4.98 5.97
C ALA B 389 -30.98 -4.27 4.68
N HIS B 390 -31.77 -4.51 3.64
CA HIS B 390 -31.58 -3.88 2.35
C HIS B 390 -31.82 -2.38 2.45
N LEU B 391 -32.97 -2.01 3.02
CA LEU B 391 -33.27 -0.61 3.27
C LEU B 391 -32.13 0.03 4.05
N GLN B 392 -31.76 -0.61 5.16
CA GLN B 392 -30.68 -0.11 6.01
C GLN B 392 -29.42 0.17 5.20
N ALA B 393 -29.19 -0.65 4.17
CA ALA B 393 -28.02 -0.48 3.32
C ALA B 393 -28.13 0.77 2.45
N ILE B 394 -29.29 0.97 1.84
CA ILE B 394 -29.53 2.18 1.04
C ILE B 394 -29.34 3.41 1.91
N LYS B 395 -29.86 3.35 3.14
CA LYS B 395 -29.73 4.45 4.09
C LYS B 395 -28.28 4.85 4.33
N GLU B 396 -27.50 3.94 4.86
CA GLU B 396 -26.13 4.24 5.27
C GLU B 396 -25.29 4.84 4.15
N LEU B 397 -25.32 4.22 2.98
CA LEU B 397 -24.58 4.71 1.82
C LEU B 397 -24.92 6.16 1.50
N ILE B 398 -26.22 6.45 1.48
CA ILE B 398 -26.69 7.81 1.20
C ILE B 398 -26.36 8.78 2.33
N ALA B 399 -26.40 8.29 3.58
CA ALA B 399 -26.03 9.11 4.73
C ALA B 399 -24.59 9.55 4.60
N ARG B 400 -23.83 8.81 3.79
CA ARG B 400 -22.41 9.08 3.64
C ARG B 400 -22.11 9.89 2.36
N ASP B 401 -22.80 9.56 1.28
CA ASP B 401 -22.46 10.12 -0.03
C ASP B 401 -23.47 11.11 -0.60
N LYS B 402 -24.41 11.55 0.23
CA LYS B 402 -25.42 12.50 -0.20
C LYS B 402 -24.82 13.84 -0.59
N ASN B 403 -23.57 14.07 -0.17
CA ASN B 403 -22.90 15.34 -0.38
C ASN B 403 -21.78 15.28 -1.40
N HIS B 404 -21.60 14.12 -2.01
CA HIS B 404 -20.60 13.96 -3.06
C HIS B 404 -21.19 14.26 -4.43
N PRO B 405 -20.80 15.41 -5.01
CA PRO B 405 -21.30 15.90 -6.29
C PRO B 405 -20.94 14.96 -7.43
N SER B 406 -19.93 14.13 -7.22
CA SER B 406 -19.55 13.15 -8.23
C SER B 406 -20.65 12.11 -8.39
N VAL B 407 -21.23 11.70 -7.27
CA VAL B 407 -22.37 10.78 -7.30
C VAL B 407 -23.44 11.52 -8.09
N VAL B 408 -23.82 10.96 -9.23
CA VAL B 408 -24.84 11.59 -10.05
C VAL B 408 -26.05 10.66 -10.08
N TRP B 410 -27.93 6.88 -7.92
CA TRP B 410 -27.90 5.76 -6.99
C TRP B 410 -28.22 4.43 -7.68
N SER B 411 -27.45 3.40 -7.34
CA SER B 411 -27.71 2.06 -7.85
C SER B 411 -28.19 1.17 -6.72
N ILE B 412 -29.47 0.87 -6.73
CA ILE B 412 -30.14 0.15 -5.64
C ILE B 412 -29.58 -1.27 -5.46
N ALA B 413 -29.36 -1.95 -6.56
CA ALA B 413 -28.92 -3.34 -6.52
C ALA B 413 -28.28 -3.74 -7.85
N ASN B 414 -27.73 -4.94 -7.90
CA ASN B 414 -27.07 -5.43 -9.10
C ASN B 414 -27.55 -6.82 -9.48
N GLU B 415 -28.07 -6.94 -10.69
CA GLU B 415 -28.50 -8.23 -11.24
C GLU B 415 -29.41 -9.02 -10.32
N PRO B 416 -30.50 -8.40 -9.86
CA PRO B 416 -31.48 -9.18 -9.10
C PRO B 416 -32.28 -10.05 -10.06
N ASP B 417 -32.66 -11.24 -9.60
CA ASP B 417 -33.58 -12.08 -10.35
C ASP B 417 -34.99 -11.54 -10.14
N THR B 418 -35.58 -10.98 -11.20
CA THR B 418 -36.89 -10.36 -11.11
C THR B 418 -38.03 -11.13 -11.77
N ARG B 419 -37.90 -12.45 -11.80
CA ARG B 419 -38.94 -13.32 -12.36
C ARG B 419 -39.78 -14.05 -11.31
N PRO B 420 -39.16 -14.45 -10.18
CA PRO B 420 -39.96 -15.04 -9.09
C PRO B 420 -41.10 -14.11 -8.66
N GLN B 421 -41.89 -14.57 -7.70
CA GLN B 421 -43.13 -13.90 -7.34
C GLN B 421 -42.94 -12.55 -6.66
N GLY B 422 -42.27 -12.55 -5.51
CA GLY B 422 -42.17 -11.36 -4.69
C GLY B 422 -41.32 -10.24 -5.24
N ALA B 423 -40.70 -10.46 -6.40
CA ALA B 423 -39.73 -9.53 -6.97
C ALA B 423 -40.20 -8.08 -7.00
N ARG B 424 -41.41 -7.85 -7.50
CA ARG B 424 -41.93 -6.50 -7.64
C ARG B 424 -42.39 -5.90 -6.30
N GLU B 425 -43.01 -6.72 -5.46
CA GLU B 425 -43.45 -6.24 -4.16
C GLU B 425 -42.27 -6.03 -3.21
N TYR B 426 -41.11 -6.55 -3.60
CA TYR B 426 -39.89 -6.40 -2.81
C TYR B 426 -39.17 -5.10 -3.10
N PHE B 427 -39.01 -4.79 -4.38
CA PHE B 427 -38.23 -3.64 -4.80
C PHE B 427 -39.02 -2.33 -4.85
N ALA B 428 -40.33 -2.42 -4.95
CA ALA B 428 -41.17 -1.22 -5.00
C ALA B 428 -40.99 -0.32 -3.77
N PRO B 429 -41.09 -0.91 -2.57
CA PRO B 429 -40.95 -0.11 -1.33
C PRO B 429 -39.58 0.55 -1.22
N LEU B 430 -38.53 -0.21 -1.51
CA LEU B 430 -37.16 0.31 -1.46
C LEU B 430 -36.95 1.41 -2.49
N ALA B 431 -37.50 1.22 -3.70
CA ALA B 431 -37.42 2.23 -4.74
C ALA B 431 -38.12 3.52 -4.31
N GLU B 432 -39.18 3.39 -3.52
CA GLU B 432 -39.90 4.54 -2.99
C GLU B 432 -39.10 5.22 -1.88
N ALA B 433 -38.57 4.42 -0.97
CA ALA B 433 -37.86 4.93 0.19
C ALA B 433 -36.56 5.64 -0.19
N THR B 434 -35.91 5.17 -1.24
CA THR B 434 -34.66 5.74 -1.71
C THR B 434 -34.84 7.21 -2.10
N ARG B 435 -35.81 7.48 -2.96
CA ARG B 435 -36.09 8.84 -3.39
C ARG B 435 -36.44 9.70 -2.17
N LYS B 436 -37.05 9.07 -1.17
CA LYS B 436 -37.42 9.75 0.06
C LYS B 436 -36.19 10.03 0.93
N LEU B 437 -35.09 9.36 0.64
CA LEU B 437 -33.85 9.60 1.35
C LEU B 437 -33.00 10.64 0.60
N ASP B 438 -33.00 10.53 -0.72
CA ASP B 438 -32.35 11.53 -1.58
C ASP B 438 -33.09 11.68 -2.90
N PRO B 439 -33.84 12.78 -3.05
CA PRO B 439 -34.62 13.10 -4.26
C PRO B 439 -33.85 13.96 -5.24
N THR B 440 -32.54 14.12 -5.03
CA THR B 440 -31.74 14.99 -5.88
C THR B 440 -30.99 14.21 -6.95
N ARG B 441 -30.97 12.88 -6.82
CA ARG B 441 -30.29 12.02 -7.77
C ARG B 441 -31.22 10.94 -8.29
N PRO B 442 -31.22 10.70 -9.61
CA PRO B 442 -31.97 9.60 -10.19
C PRO B 442 -31.53 8.28 -9.57
N ILE B 443 -32.36 7.24 -9.72
CA ILE B 443 -32.07 5.94 -9.12
C ILE B 443 -32.22 4.83 -10.16
N THR B 444 -31.40 3.80 -10.04
CA THR B 444 -31.46 2.68 -10.98
C THR B 444 -31.22 1.35 -10.27
N CYS B 445 -31.61 0.27 -10.94
CA CYS B 445 -31.28 -1.08 -10.50
C CYS B 445 -30.64 -1.77 -11.69
N VAL B 446 -29.41 -2.23 -11.52
CA VAL B 446 -28.65 -2.83 -12.62
C VAL B 446 -29.21 -4.21 -13.00
N ASN B 447 -29.64 -4.33 -14.26
CA ASN B 447 -30.40 -5.48 -14.72
C ASN B 447 -29.59 -6.65 -15.28
N VAL B 448 -29.93 -7.87 -14.87
CA VAL B 448 -29.34 -9.07 -15.44
C VAL B 448 -30.01 -9.41 -16.77
N PHE B 450 -31.01 -12.19 -18.43
CA PHE B 450 -32.13 -13.12 -18.60
C PHE B 450 -33.45 -12.56 -18.06
N CYS B 451 -33.38 -11.34 -17.53
CA CYS B 451 -34.57 -10.55 -17.26
C CYS B 451 -34.17 -9.76 -18.49
N ASP B 452 -35.12 -9.59 -19.40
CA ASP B 452 -34.85 -8.92 -20.67
C ASP B 452 -36.16 -8.14 -20.74
N ALA B 453 -36.38 -7.45 -21.85
CA ALA B 453 -37.57 -6.62 -22.02
C ALA B 453 -38.89 -7.31 -21.67
N HIS B 454 -39.14 -8.47 -22.27
CA HIS B 454 -40.44 -9.12 -22.15
C HIS B 454 -40.64 -9.83 -20.82
N THR B 455 -39.58 -9.95 -20.01
CA THR B 455 -39.65 -10.70 -18.77
C THR B 455 -39.35 -9.99 -17.45
N ASP B 456 -38.61 -8.88 -17.51
CA ASP B 456 -38.29 -8.13 -16.30
C ASP B 456 -39.54 -7.47 -15.71
N THR B 457 -39.73 -7.64 -14.41
CA THR B 457 -40.96 -7.17 -13.77
C THR B 457 -40.75 -5.81 -13.12
N ILE B 458 -39.51 -5.37 -12.99
CA ILE B 458 -39.21 -4.25 -12.10
C ILE B 458 -38.52 -2.96 -12.56
N SER B 459 -38.38 -2.77 -13.87
CA SER B 459 -37.57 -1.69 -14.42
C SER B 459 -38.33 -0.36 -14.34
N ASP B 460 -39.65 -0.41 -14.50
CA ASP B 460 -40.43 0.83 -14.54
C ASP B 460 -40.33 1.68 -13.27
N LEU B 461 -39.95 1.05 -12.16
CA LEU B 461 -39.88 1.73 -10.87
C LEU B 461 -38.65 2.63 -10.75
N PHE B 462 -37.77 2.58 -11.75
CA PHE B 462 -36.52 3.34 -11.71
C PHE B 462 -36.40 4.34 -12.85
N ASP B 463 -35.44 5.25 -12.72
CA ASP B 463 -35.31 6.39 -13.63
C ASP B 463 -34.46 6.09 -14.86
N VAL B 464 -33.29 5.51 -14.64
CA VAL B 464 -32.39 5.18 -15.73
C VAL B 464 -32.19 3.68 -15.89
N LEU B 465 -32.13 3.23 -17.13
CA LEU B 465 -31.99 1.82 -17.42
C LEU B 465 -30.54 1.42 -17.55
N CYS B 466 -30.07 0.62 -16.60
CA CYS B 466 -28.69 0.14 -16.58
C CYS B 466 -28.64 -1.36 -16.85
N LEU B 467 -27.97 -1.74 -17.94
CA LEU B 467 -28.00 -3.12 -18.42
C LEU B 467 -26.64 -3.78 -18.50
N ASN B 468 -26.53 -4.95 -17.90
CA ASN B 468 -25.36 -5.81 -18.08
C ASN B 468 -25.62 -6.77 -19.22
N ARG B 469 -24.84 -6.67 -20.29
CA ARG B 469 -25.04 -7.55 -21.45
C ARG B 469 -23.81 -8.27 -22.00
N TYR B 470 -23.94 -9.58 -22.19
CA TYR B 470 -22.85 -10.41 -22.68
C TYR B 470 -23.69 -11.20 -23.69
N TYR B 471 -23.59 -10.82 -24.96
CA TYR B 471 -24.47 -11.34 -25.99
C TYR B 471 -23.48 -12.17 -26.81
N GLY B 472 -22.24 -11.71 -26.91
CA GLY B 472 -21.25 -12.48 -27.65
C GLY B 472 -20.46 -13.43 -26.77
N TRP B 473 -20.87 -13.54 -25.51
CA TRP B 473 -20.11 -14.33 -24.55
C TRP B 473 -20.90 -15.51 -23.97
N TYR B 474 -21.75 -15.25 -22.99
CA TYR B 474 -22.48 -16.32 -22.33
C TYR B 474 -23.45 -17.01 -23.27
N VAL B 475 -24.08 -16.23 -24.14
CA VAL B 475 -24.96 -16.76 -25.18
C VAL B 475 -24.36 -16.37 -26.53
N GLN B 476 -24.86 -16.97 -27.61
CA GLN B 476 -24.29 -16.77 -28.94
C GLN B 476 -22.78 -16.83 -28.84
N SER B 477 -22.28 -17.77 -28.05
CA SER B 477 -20.85 -17.86 -27.73
C SER B 477 -20.10 -17.54 -29.01
N GLY B 478 -19.27 -16.51 -28.95
CA GLY B 478 -18.36 -16.19 -30.04
C GLY B 478 -18.90 -15.87 -31.42
N ASP B 479 -20.15 -15.43 -31.48
CA ASP B 479 -20.76 -15.11 -32.77
C ASP B 479 -21.16 -13.64 -32.80
N LEU B 480 -20.21 -12.78 -33.17
CA LEU B 480 -20.45 -11.35 -33.25
C LEU B 480 -21.58 -11.03 -34.23
N GLU B 481 -21.70 -11.87 -35.26
CA GLU B 481 -22.60 -11.59 -36.37
C GLU B 481 -24.07 -11.63 -35.95
N THR B 482 -24.41 -12.55 -35.06
CA THR B 482 -25.78 -12.63 -34.55
C THR B 482 -25.91 -11.85 -33.24
N ALA B 483 -24.87 -11.90 -32.41
CA ALA B 483 -24.84 -11.16 -31.16
C ALA B 483 -25.19 -9.69 -31.38
N GLU B 484 -24.82 -9.15 -32.55
CA GLU B 484 -25.18 -7.79 -32.93
C GLU B 484 -26.69 -7.67 -33.08
N LYS B 485 -27.26 -8.53 -33.90
CA LYS B 485 -28.70 -8.54 -34.11
C LYS B 485 -29.42 -8.56 -32.77
N VAL B 486 -29.20 -9.62 -32.00
CA VAL B 486 -29.83 -9.77 -30.69
C VAL B 486 -29.70 -8.51 -29.85
N LEU B 487 -28.47 -8.02 -29.70
CA LEU B 487 -28.19 -6.83 -28.88
C LEU B 487 -29.01 -5.62 -29.31
N GLU B 488 -28.96 -5.29 -30.60
CA GLU B 488 -29.70 -4.13 -31.10
C GLU B 488 -31.19 -4.37 -30.99
N LYS B 489 -31.63 -5.53 -31.48
CA LYS B 489 -33.02 -5.94 -31.36
C LYS B 489 -33.48 -5.75 -29.91
N GLU B 490 -32.59 -6.09 -28.99
CA GLU B 490 -32.87 -6.01 -27.55
C GLU B 490 -32.89 -4.57 -27.05
N LEU B 491 -31.86 -3.81 -27.43
CA LEU B 491 -31.76 -2.42 -27.00
C LEU B 491 -32.97 -1.61 -27.46
N LEU B 492 -33.35 -1.82 -28.71
CA LEU B 492 -34.50 -1.12 -29.27
C LEU B 492 -35.80 -1.60 -28.63
N ALA B 493 -35.80 -2.84 -28.14
CA ALA B 493 -36.94 -3.39 -27.43
C ALA B 493 -37.08 -2.72 -26.07
N TRP B 494 -35.95 -2.37 -25.46
CA TRP B 494 -35.97 -1.65 -24.18
C TRP B 494 -36.42 -0.21 -24.39
N GLN B 495 -35.88 0.43 -25.42
CA GLN B 495 -36.16 1.84 -25.71
C GLN B 495 -37.66 2.10 -25.82
N GLU B 496 -38.31 1.39 -26.73
CA GLU B 496 -39.74 1.58 -26.99
C GLU B 496 -40.61 1.24 -25.79
N LYS B 497 -40.17 0.30 -24.96
CA LYS B 497 -40.93 -0.11 -23.78
C LYS B 497 -40.96 0.95 -22.68
N LEU B 498 -39.79 1.44 -22.30
CA LEU B 498 -39.68 2.35 -21.15
C LEU B 498 -39.38 3.80 -21.52
N HIS B 499 -38.74 4.02 -22.66
CA HIS B 499 -38.33 5.36 -23.06
C HIS B 499 -37.57 6.04 -21.93
N GLN B 500 -36.53 5.36 -21.47
CA GLN B 500 -35.61 5.90 -20.47
C GLN B 500 -34.24 5.99 -21.10
N PRO B 501 -33.32 6.74 -20.46
CA PRO B 501 -31.91 6.68 -20.86
C PRO B 501 -31.37 5.28 -20.59
N ILE B 502 -30.56 4.75 -21.50
CA ILE B 502 -29.99 3.42 -21.34
C ILE B 502 -28.47 3.50 -21.16
N ILE B 503 -28.00 2.98 -20.03
CA ILE B 503 -26.57 2.83 -19.82
C ILE B 503 -26.23 1.34 -19.78
N ILE B 504 -25.24 0.92 -20.55
CA ILE B 504 -24.75 -0.44 -20.43
C ILE B 504 -23.69 -0.45 -19.34
N THR B 505 -24.11 -0.81 -18.13
CA THR B 505 -23.24 -0.79 -16.97
C THR B 505 -22.19 -1.90 -17.00
N GLU B 506 -22.49 -2.96 -17.73
CA GLU B 506 -21.55 -4.05 -17.90
C GLU B 506 -21.54 -4.60 -19.33
N TYR B 507 -20.38 -4.54 -19.97
CA TYR B 507 -20.16 -5.24 -21.23
C TYR B 507 -18.68 -5.53 -21.44
N GLY B 508 -18.33 -6.83 -21.43
CA GLY B 508 -16.94 -7.24 -21.56
C GLY B 508 -16.80 -8.75 -21.69
N VAL B 509 -15.59 -9.21 -22.01
CA VAL B 509 -15.34 -10.63 -22.23
C VAL B 509 -14.02 -11.07 -21.60
N ASP B 510 -14.01 -12.28 -21.04
CA ASP B 510 -12.77 -12.79 -20.44
C ASP B 510 -11.69 -12.82 -21.51
N THR B 511 -10.50 -12.34 -21.14
CA THR B 511 -9.38 -12.29 -22.07
C THR B 511 -8.09 -12.60 -21.34
N LEU B 512 -7.40 -13.66 -21.77
CA LEU B 512 -6.07 -13.94 -21.26
C LEU B 512 -5.08 -12.97 -21.85
N ALA B 513 -4.47 -12.16 -20.99
CA ALA B 513 -3.40 -11.29 -21.44
C ALA B 513 -2.35 -12.15 -22.13
N GLY B 514 -2.02 -11.79 -23.36
CA GLY B 514 -1.00 -12.51 -24.10
C GLY B 514 -1.51 -13.67 -24.93
N LEU B 515 -2.83 -13.83 -24.98
CA LEU B 515 -3.43 -14.83 -25.85
C LEU B 515 -3.78 -14.18 -27.18
N HIS B 516 -3.07 -14.55 -28.23
CA HIS B 516 -3.31 -13.99 -29.56
C HIS B 516 -3.85 -15.06 -30.49
N SER B 517 -4.67 -14.66 -31.45
CA SER B 517 -5.25 -15.61 -32.41
C SER B 517 -5.62 -14.97 -33.74
N TYR B 519 -7.52 -16.15 -35.70
CA TYR B 519 -8.93 -16.48 -35.90
C TYR B 519 -9.84 -15.60 -35.05
N THR B 520 -9.24 -14.64 -34.34
CA THR B 520 -9.97 -13.67 -33.55
C THR B 520 -11.12 -14.27 -32.72
N ASP B 521 -10.84 -15.39 -32.05
CA ASP B 521 -11.85 -16.11 -31.28
C ASP B 521 -11.76 -15.90 -29.74
N TRP B 523 -11.51 -15.45 -25.77
CA TRP B 523 -10.39 -15.44 -24.81
C TRP B 523 -9.07 -15.04 -25.46
N SER B 524 -9.14 -14.19 -26.48
CA SER B 524 -7.93 -13.74 -27.17
C SER B 524 -8.14 -12.23 -27.11
N GLU B 525 -7.03 -11.49 -27.09
CA GLU B 525 -7.06 -10.05 -27.10
C GLU B 525 -7.75 -9.50 -28.35
N GLU B 526 -7.44 -10.10 -29.49
CA GLU B 526 -8.05 -9.72 -30.76
C GLU B 526 -9.57 -9.78 -30.66
N TYR B 527 -10.06 -10.83 -30.00
CA TYR B 527 -11.49 -11.03 -29.85
C TYR B 527 -12.10 -9.94 -28.98
N GLN B 528 -11.49 -9.71 -27.83
CA GLN B 528 -11.95 -8.67 -26.92
C GLN B 528 -12.13 -7.36 -27.68
N CYS B 529 -11.11 -6.99 -28.45
CA CYS B 529 -11.18 -5.78 -29.27
C CYS B 529 -12.36 -5.84 -30.25
N ALA B 530 -12.49 -6.96 -30.95
CA ALA B 530 -13.54 -7.10 -31.95
C ALA B 530 -14.94 -7.06 -31.33
N TRP B 531 -15.05 -7.65 -30.14
CA TRP B 531 -16.30 -7.70 -29.40
C TRP B 531 -16.74 -6.31 -28.97
N LEU B 532 -15.82 -5.57 -28.34
CA LEU B 532 -16.12 -4.23 -27.85
C LEU B 532 -16.47 -3.30 -29.01
N ASP B 533 -15.72 -3.43 -30.10
CA ASP B 533 -16.04 -2.73 -31.34
C ASP B 533 -17.50 -2.94 -31.71
N TYR B 535 -20.01 -3.87 -30.05
CA TYR B 535 -20.94 -3.23 -29.13
C TYR B 535 -21.04 -1.73 -29.41
N HIS B 536 -19.88 -1.08 -29.51
CA HIS B 536 -19.84 0.36 -29.79
C HIS B 536 -20.64 0.70 -31.03
N ARG B 537 -20.57 -0.17 -32.02
CA ARG B 537 -21.26 0.00 -33.28
C ARG B 537 -22.76 0.02 -33.05
N VAL B 538 -23.23 -0.86 -32.17
CA VAL B 538 -24.63 -0.94 -31.81
C VAL B 538 -25.07 0.27 -30.98
N PHE B 539 -24.25 0.65 -30.00
CA PHE B 539 -24.55 1.83 -29.20
C PHE B 539 -24.67 3.04 -30.11
N ASP B 540 -23.81 3.11 -31.12
CA ASP B 540 -23.76 4.24 -32.04
C ASP B 540 -24.98 4.34 -32.93
N ARG B 541 -25.91 3.40 -32.76
CA ARG B 541 -27.12 3.37 -33.58
C ARG B 541 -28.39 3.36 -32.74
N VAL B 542 -28.23 3.46 -31.43
CA VAL B 542 -29.38 3.57 -30.53
C VAL B 542 -29.34 4.90 -29.79
N SER B 543 -30.23 5.82 -30.17
CA SER B 543 -30.27 7.16 -29.60
C SER B 543 -30.58 7.14 -28.11
N ALA B 544 -31.12 6.02 -27.64
CA ALA B 544 -31.51 5.87 -26.24
C ALA B 544 -30.30 5.60 -25.34
N VAL B 545 -29.29 4.93 -25.90
CA VAL B 545 -28.10 4.58 -25.13
C VAL B 545 -27.27 5.83 -24.84
N VAL B 546 -27.20 6.19 -23.57
CA VAL B 546 -26.53 7.42 -23.17
C VAL B 546 -25.25 7.14 -22.38
N GLY B 547 -24.99 5.87 -22.09
CA GLY B 547 -23.84 5.50 -21.27
C GLY B 547 -23.26 4.14 -21.57
N GLU B 548 -21.94 4.06 -21.52
CA GLU B 548 -21.23 2.82 -21.75
C GLU B 548 -20.10 2.65 -20.73
N GLN B 549 -20.11 1.51 -20.05
CA GLN B 549 -19.09 1.24 -19.05
C GLN B 549 -18.75 -0.17 -19.46
N VAL B 550 -17.46 -0.42 -19.56
CA VAL B 550 -16.94 -1.72 -19.98
C VAL B 550 -17.09 -2.45 -18.66
N TRP B 551 -16.92 -3.77 -18.71
CA TRP B 551 -17.05 -4.56 -17.50
C TRP B 551 -15.70 -4.08 -17.01
N ASN B 552 -15.21 -4.84 -16.04
CA ASN B 552 -14.17 -4.45 -15.11
C ASN B 552 -13.00 -3.78 -15.81
N PHE B 553 -12.58 -2.71 -15.13
CA PHE B 553 -11.36 -2.00 -15.39
C PHE B 553 -10.18 -2.96 -15.43
N ALA B 554 -10.13 -3.90 -14.49
CA ALA B 554 -9.00 -4.81 -14.36
C ALA B 554 -9.40 -6.18 -13.85
N ASP B 555 -8.68 -7.22 -14.28
CA ASP B 555 -8.92 -8.58 -13.79
C ASP B 555 -8.98 -8.54 -12.27
N PHE B 556 -9.84 -9.36 -11.69
CA PHE B 556 -9.99 -9.42 -10.24
C PHE B 556 -10.24 -10.83 -9.75
N ALA B 557 -10.21 -11.04 -8.44
CA ALA B 557 -10.36 -12.37 -7.88
C ALA B 557 -11.82 -12.73 -7.65
N THR B 558 -12.13 -14.00 -7.92
CA THR B 558 -13.46 -14.53 -7.75
C THR B 558 -13.39 -15.82 -6.94
N SER B 559 -14.54 -16.40 -6.61
CA SER B 559 -14.55 -17.70 -5.97
C SER B 559 -14.10 -18.76 -6.97
N GLN B 560 -13.71 -19.93 -6.48
CA GLN B 560 -13.24 -20.99 -7.37
C GLN B 560 -14.36 -21.61 -8.20
N GLY B 561 -14.10 -21.82 -9.48
CA GLY B 561 -15.06 -22.44 -10.37
C GLY B 561 -14.50 -22.75 -11.75
N ILE B 562 -15.29 -23.46 -12.55
CA ILE B 562 -14.89 -23.82 -13.92
C ILE B 562 -14.87 -22.64 -14.87
N LEU B 563 -15.63 -21.59 -14.56
CA LEU B 563 -15.76 -20.46 -15.47
C LEU B 563 -14.74 -19.37 -15.17
N ARG B 564 -14.03 -19.52 -14.07
CA ARG B 564 -13.13 -18.46 -13.62
C ARG B 564 -11.67 -18.92 -13.66
N VAL B 565 -10.92 -18.41 -14.64
CA VAL B 565 -9.52 -18.81 -14.80
C VAL B 565 -8.61 -18.00 -13.91
N GLY B 566 -8.38 -18.51 -12.70
CA GLY B 566 -7.60 -17.79 -11.71
C GLY B 566 -8.20 -16.43 -11.43
N GLY B 567 -9.52 -16.33 -11.59
CA GLY B 567 -10.23 -15.08 -11.36
C GLY B 567 -10.92 -14.60 -12.62
N ASN B 568 -11.75 -13.58 -12.47
CA ASN B 568 -12.40 -12.98 -13.61
C ASN B 568 -11.35 -12.27 -14.46
N LYS B 569 -11.27 -12.66 -15.73
CA LYS B 569 -10.31 -12.08 -16.66
C LYS B 569 -10.94 -11.11 -17.65
N LYS B 570 -12.00 -10.42 -17.24
CA LYS B 570 -12.67 -9.47 -18.12
C LYS B 570 -12.10 -8.07 -18.00
N GLY B 571 -10.94 -7.96 -17.36
CA GLY B 571 -10.31 -6.67 -17.20
C GLY B 571 -9.80 -6.13 -18.51
N ILE B 572 -9.81 -4.81 -18.66
CA ILE B 572 -9.15 -4.16 -19.77
C ILE B 572 -7.66 -4.14 -19.43
N PHE B 573 -7.37 -4.04 -18.14
CA PHE B 573 -6.02 -4.15 -17.63
C PHE B 573 -5.93 -5.43 -16.81
N THR B 574 -4.74 -6.02 -16.77
CA THR B 574 -4.48 -7.16 -15.92
C THR B 574 -4.55 -6.68 -14.47
N ARG B 575 -4.36 -7.59 -13.52
CA ARG B 575 -4.45 -7.20 -12.11
C ARG B 575 -3.34 -6.25 -11.69
N ASP B 576 -2.14 -6.44 -12.23
CA ASP B 576 -1.03 -5.55 -11.91
C ASP B 576 -1.03 -4.33 -12.83
N ARG B 577 -2.18 -4.09 -13.47
CA ARG B 577 -2.44 -2.87 -14.21
C ARG B 577 -1.72 -2.76 -15.56
N LYS B 578 -1.34 -3.90 -16.12
CA LYS B 578 -0.78 -3.90 -17.47
C LYS B 578 -1.92 -3.98 -18.47
N PRO B 579 -1.87 -3.15 -19.52
CA PRO B 579 -3.00 -3.01 -20.43
C PRO B 579 -3.07 -4.10 -21.50
N LYS B 580 -4.28 -4.54 -21.82
CA LYS B 580 -4.50 -5.46 -22.93
C LYS B 580 -4.80 -4.63 -24.18
N SER B 581 -4.63 -5.22 -25.36
CA SER B 581 -4.78 -4.46 -26.60
C SER B 581 -6.11 -3.69 -26.69
N ALA B 582 -7.07 -4.09 -25.85
CA ALA B 582 -8.37 -3.42 -25.80
C ALA B 582 -8.28 -2.04 -25.18
N ALA B 583 -7.27 -1.86 -24.34
CA ALA B 583 -7.06 -0.57 -23.68
C ALA B 583 -6.79 0.52 -24.69
N PHE B 584 -5.97 0.22 -25.70
CA PHE B 584 -5.64 1.21 -26.72
C PHE B 584 -6.80 1.41 -27.69
N LEU B 585 -7.57 0.34 -27.88
CA LEU B 585 -8.82 0.43 -28.63
C LEU B 585 -9.77 1.42 -27.95
N LEU B 586 -10.02 1.22 -26.66
CA LEU B 586 -10.88 2.11 -25.89
C LEU B 586 -10.28 3.51 -25.82
N GLN B 587 -8.96 3.57 -25.68
CA GLN B 587 -8.22 4.84 -25.71
C GLN B 587 -8.69 5.71 -26.87
N LYS B 588 -8.60 5.16 -28.08
CA LYS B 588 -8.94 5.90 -29.29
C LYS B 588 -10.41 6.32 -29.36
N ARG B 589 -11.31 5.41 -29.04
CA ARG B 589 -12.74 5.72 -29.02
C ARG B 589 -13.08 6.78 -27.98
N TRP B 590 -12.64 6.58 -26.75
CA TRP B 590 -13.04 7.46 -25.65
C TRP B 590 -12.47 8.88 -25.70
N THR B 591 -11.15 9.00 -25.80
CA THR B 591 -10.54 10.32 -25.94
C THR B 591 -10.90 10.93 -27.28
N GLY B 592 -11.21 10.08 -28.25
CA GLY B 592 -11.53 10.52 -29.59
C GLY B 592 -12.82 11.30 -29.76
N ASN B 594 -15.94 14.01 -28.59
CA ASN B 594 -16.08 15.24 -27.82
C ASN B 594 -16.46 14.85 -26.40
N PHE B 595 -16.03 15.65 -25.43
CA PHE B 595 -16.24 15.33 -24.03
C PHE B 595 -17.72 15.20 -23.67
N GLY B 596 -18.08 14.06 -23.07
CA GLY B 596 -19.44 13.82 -22.63
C GLY B 596 -20.43 13.95 -23.77
N GLU B 597 -20.07 13.42 -24.93
CA GLU B 597 -20.86 13.61 -26.14
C GLU B 597 -20.89 12.37 -27.02
N LYS B 598 -22.09 11.84 -27.21
CA LYS B 598 -22.33 10.69 -28.10
C LYS B 598 -22.01 11.03 -29.55
N PRO B 599 -21.39 10.07 -30.28
CA PRO B 599 -21.06 10.24 -31.70
C PRO B 599 -22.29 10.57 -32.55
N GLN B 600 -22.09 11.10 -33.75
CA GLN B 600 -23.19 11.55 -34.60
C GLN B 600 -23.67 10.27 -35.33
N GLN B 601 -24.29 9.37 -34.58
CA GLN B 601 -24.68 8.07 -35.11
C GLN B 601 -23.46 7.15 -35.29
N GLY B 602 -22.47 7.67 -36.02
CA GLY B 602 -21.41 6.88 -36.57
C GLY B 602 -20.36 7.92 -36.18
N GLY B 603 -19.19 7.89 -36.82
CA GLY B 603 -18.15 8.83 -36.50
C GLY B 603 -16.91 8.67 -37.38
#